data_3V79
#
_entry.id   3V79
#
_cell.length_a   272.646
_cell.length_b   272.646
_cell.length_c   119.987
_cell.angle_alpha   90.00
_cell.angle_beta   90.00
_cell.angle_gamma   120.00
#
_symmetry.space_group_name_H-M   'P 63 2 2'
#
loop_
_entity.id
_entity.type
_entity.pdbx_description
1 polymer 'Neurogenic locus notch homolog protein 1'
2 polymer 'Recombining binding protein suppressor of hairless'
3 polymer 'Mastermind-like protein 1'
4 polymer "DNA 5'-D(*GP*TP*TP*AP*CP*TP*GP*TP*GP*GP*GP*AP*AP*AP*GP*AP*AP*A)-3'"
5 polymer "DNA 5'-D(*TP*TP*TP*CP*TP*TP*TP*CP*CP*CP*AP*CP*AP*GP*TP*AP*AP*C)-3'"
6 polymer RAM
#
loop_
_entity_poly.entity_id
_entity_poly.type
_entity_poly.pdbx_seq_one_letter_code
_entity_poly.pdbx_strand_id
1 'polypeptide(L)'
;GMDVNVRGPDGFTPLMIASCSGGGLETGNSEEEEDAPAVISDFIYQGASLHNQTDRTGETALHLAARYSRSDAAKRLLEA
SADANIQDNMGRTPLHAAVSADAQGVFQILIRNRATDLDARMHDGTTPLILAARLAVEGMLEDLINSHADVNAVDDLGKS
ALHWAAAVNNVDAAVVLLKNGANKDMQNNREETPLFLAAREGSYETAKVLLDHFANRDITDHMDRLPRDIAQERMHHDIV
RLLDEYNLVRSPQLHG
;
K
2 'polypeptide(L)'
;MGERPPPKRLTREAMRNYLKERGDQTVLILHAKVAQKSYGNEKRFFCPPPCVYLMGSGWKKKKEQMERDGCSEQESQPCA
FIGIGNSDQEMQQLNLEGKNYCTAKTLYISDSDKRKHFMLSVKMFYGNSDDIGVFLSKRIKVISKPSKKKQSLKNADLCI
ASGTKVALFNRLRSQTVSTRYLHVEGGNFHASSQQWGAFFIHLLDDDESEGEEFTVRDGYIHYGQTVKLVCSVTGMALPR
LIIRKVDKQTALLDADDPVSQLHKCAFYLKDTERMYLCLSQERIIQFQATPCPKEPNKEMINDGASWTIISTDKAEYTFY
EGMGPVLAPVTPVPVVESLQLNGGGDVAMLELTGQNFTPNLRVWFGDVEAETMYRCGESMLCVVPDISAFREGWRWVRQP
VQVPVTLVRNDGIIYSTSLTFTYTPEPGHHHHHH
;
C
3 'polypeptide(L)' GLPRHSAVMERLRRRIELCRRHHSTCEARYEAVSPERLELERQHTFALHQRCIQAKAKRAGKH M
4 'polydeoxyribonucleotide' (DG)(DT)(DT)(DA)(DC)(DT)(DG)(DT)(DG)(DG)(DG)(DA)(DA)(DA)(DG)(DA)(DA)(DA) X
5 'polydeoxyribonucleotide' (DT)(DT)(DT)(DC)(DT)(DT)(DT)(DC)(DC)(DC)(DA)(DC)(DA)(DG)(DT)(DA)(DA)(DC) Y
6 'polypeptide(L)' KRRRQHGQLWFPEGFKVSE R
#
# COMPACT_ATOMS: atom_id res chain seq x y z
N THR A 13 -4.54 -32.07 -15.19
CA THR A 13 -5.35 -32.64 -14.07
C THR A 13 -5.06 -34.13 -13.88
N PRO A 14 -5.10 -34.92 -14.96
CA PRO A 14 -4.84 -36.37 -14.85
C PRO A 14 -3.44 -36.67 -14.31
N LEU A 15 -2.46 -35.87 -14.71
CA LEU A 15 -1.08 -36.05 -14.26
C LEU A 15 -0.84 -35.19 -13.03
N MET A 16 -1.86 -34.42 -12.65
CA MET A 16 -1.76 -33.53 -11.50
C MET A 16 -2.42 -34.14 -10.25
N ILE A 17 -3.33 -35.09 -10.46
CA ILE A 17 -4.03 -35.73 -9.37
C ILE A 17 -3.22 -36.88 -8.77
N ALA A 18 -2.25 -37.38 -9.52
CA ALA A 18 -1.42 -38.48 -9.05
C ALA A 18 -0.02 -38.02 -8.66
N SER A 19 0.24 -36.73 -8.84
CA SER A 19 1.56 -36.18 -8.53
C SER A 19 1.52 -35.17 -7.38
N CYS A 20 0.34 -34.95 -6.82
CA CYS A 20 0.19 -34.00 -5.71
C CYS A 20 -0.29 -34.64 -4.42
N SER A 21 -1.28 -35.53 -4.52
CA SER A 21 -1.82 -36.20 -3.34
C SER A 21 -0.76 -37.02 -2.62
N ALA A 38 4.14 -45.63 -9.23
CA ALA A 38 4.06 -45.66 -10.68
C ALA A 38 2.87 -44.85 -11.18
N VAL A 39 2.58 -43.75 -10.49
CA VAL A 39 1.47 -42.88 -10.86
C VAL A 39 1.95 -41.68 -11.68
N ILE A 40 3.25 -41.57 -11.86
CA ILE A 40 3.83 -40.47 -12.63
C ILE A 40 4.58 -41.00 -13.85
N SER A 41 5.10 -42.21 -13.72
CA SER A 41 5.86 -42.84 -14.80
C SER A 41 4.98 -43.53 -15.84
N ASP A 42 3.76 -43.88 -15.46
CA ASP A 42 2.86 -44.55 -16.38
C ASP A 42 2.07 -43.59 -17.27
N PHE A 43 1.76 -42.41 -16.75
CA PHE A 43 1.01 -41.42 -17.51
C PHE A 43 1.93 -40.66 -18.47
N ILE A 44 3.13 -40.35 -18.01
CA ILE A 44 4.10 -39.62 -18.82
C ILE A 44 4.76 -40.58 -19.81
N TYR A 45 4.92 -41.83 -19.39
CA TYR A 45 5.54 -42.85 -20.21
C TYR A 45 6.83 -42.36 -20.86
N SER A 49 -0.11 -33.95 -21.64
CA SER A 49 -0.14 -32.89 -20.65
C SER A 49 1.10 -32.94 -19.76
N LEU A 50 1.69 -31.78 -19.50
CA LEU A 50 2.88 -31.70 -18.66
C LEU A 50 2.96 -30.36 -17.95
N HIS A 51 2.99 -29.27 -18.73
CA HIS A 51 3.09 -27.94 -18.16
C HIS A 51 1.73 -27.23 -18.21
N ASN A 52 0.71 -27.87 -17.66
CA ASN A 52 -0.63 -27.28 -17.64
C ASN A 52 -0.91 -26.56 -16.32
N GLN A 53 -1.39 -25.33 -16.42
CA GLN A 53 -1.70 -24.53 -15.25
C GLN A 53 -3.19 -24.50 -14.96
N THR A 54 -3.56 -24.78 -13.71
CA THR A 54 -4.95 -24.79 -13.31
C THR A 54 -5.53 -23.39 -13.48
N ASP A 55 -6.85 -23.26 -13.35
CA ASP A 55 -7.52 -21.97 -13.49
C ASP A 55 -7.48 -21.11 -12.23
N ARG A 56 -7.52 -21.75 -11.07
CA ARG A 56 -7.51 -21.02 -9.81
C ARG A 56 -6.11 -20.68 -9.32
N THR A 57 -5.31 -21.70 -9.05
CA THR A 57 -3.95 -21.49 -8.58
C THR A 57 -2.98 -21.22 -9.72
N GLY A 58 -3.34 -21.68 -10.91
CA GLY A 58 -2.48 -21.47 -12.08
C GLY A 58 -1.11 -22.08 -11.91
N GLU A 59 -0.99 -23.05 -11.01
CA GLU A 59 0.28 -23.71 -10.76
C GLU A 59 0.42 -24.95 -11.64
N THR A 60 1.65 -25.30 -11.98
CA THR A 60 1.92 -26.48 -12.81
C THR A 60 2.10 -27.69 -11.90
N ALA A 61 1.98 -28.88 -12.48
CA ALA A 61 2.12 -30.11 -11.72
C ALA A 61 3.33 -30.01 -10.80
N LEU A 62 4.40 -29.38 -11.30
CA LEU A 62 5.62 -29.21 -10.52
C LEU A 62 5.36 -28.38 -9.26
N HIS A 63 4.70 -27.23 -9.43
CA HIS A 63 4.39 -26.37 -8.30
C HIS A 63 3.72 -27.17 -7.18
N LEU A 64 2.58 -27.76 -7.50
CA LEU A 64 1.83 -28.56 -6.54
C LEU A 64 2.72 -29.61 -5.90
N ALA A 65 3.41 -30.38 -6.73
CA ALA A 65 4.30 -31.43 -6.25
C ALA A 65 5.36 -30.85 -5.32
N ALA A 66 5.55 -29.54 -5.41
CA ALA A 66 6.54 -28.85 -4.58
C ALA A 66 5.90 -28.30 -3.32
N ARG A 67 4.65 -27.85 -3.43
CA ARG A 67 3.93 -27.29 -2.29
C ARG A 67 3.49 -28.40 -1.34
N TYR A 68 2.94 -29.48 -1.88
CA TYR A 68 2.49 -30.60 -1.06
C TYR A 68 3.66 -31.49 -0.66
N SER A 69 4.87 -31.01 -0.96
CA SER A 69 6.10 -31.72 -0.62
C SER A 69 6.10 -33.19 -1.04
N ARG A 70 5.88 -33.44 -2.33
CA ARG A 70 5.87 -34.81 -2.84
C ARG A 70 7.20 -35.06 -3.57
N SER A 71 8.26 -35.20 -2.78
CA SER A 71 9.60 -35.44 -3.31
C SER A 71 9.66 -36.34 -4.54
N ASP A 72 9.26 -37.59 -4.37
CA ASP A 72 9.28 -38.57 -5.46
C ASP A 72 8.66 -38.02 -6.75
N ALA A 73 7.40 -37.63 -6.68
CA ALA A 73 6.68 -37.10 -7.84
C ALA A 73 7.40 -35.92 -8.48
N ALA A 74 7.87 -35.00 -7.64
CA ALA A 74 8.58 -33.82 -8.12
C ALA A 74 9.81 -34.17 -8.94
N LYS A 75 10.52 -35.21 -8.51
CA LYS A 75 11.73 -35.67 -9.19
C LYS A 75 11.42 -36.14 -10.61
N ARG A 76 10.49 -37.08 -10.72
CA ARG A 76 10.11 -37.62 -12.02
C ARG A 76 9.63 -36.52 -12.95
N LEU A 77 9.03 -35.48 -12.37
CA LEU A 77 8.53 -34.35 -13.15
C LEU A 77 9.68 -33.61 -13.84
N LEU A 78 10.82 -33.52 -13.15
CA LEU A 78 11.98 -32.84 -13.71
C LEU A 78 12.72 -33.74 -14.67
N GLU A 79 12.78 -35.03 -14.36
CA GLU A 79 13.46 -36.00 -15.22
C GLU A 79 12.80 -36.01 -16.60
N ALA A 80 11.47 -35.93 -16.61
CA ALA A 80 10.73 -35.93 -17.86
C ALA A 80 10.85 -34.56 -18.54
N SER A 81 11.94 -33.87 -18.23
CA SER A 81 12.22 -32.55 -18.79
C SER A 81 11.03 -31.61 -18.65
N ALA A 82 10.96 -30.91 -17.51
CA ALA A 82 9.89 -29.98 -17.24
C ALA A 82 10.45 -28.63 -16.80
N ASP A 83 9.91 -27.56 -17.33
CA ASP A 83 10.37 -26.21 -16.98
C ASP A 83 10.20 -25.99 -15.48
N ALA A 84 11.33 -25.78 -14.80
CA ALA A 84 11.31 -25.58 -13.35
C ALA A 84 11.29 -24.10 -12.95
N ASN A 85 10.86 -23.23 -13.87
CA ASN A 85 10.81 -21.81 -13.58
C ASN A 85 9.48 -21.16 -13.98
N ILE A 86 8.49 -21.99 -14.31
CA ILE A 86 7.19 -21.48 -14.70
C ILE A 86 6.58 -20.74 -13.51
N GLN A 87 5.86 -19.66 -13.77
CA GLN A 87 5.24 -18.87 -12.71
C GLN A 87 3.74 -19.11 -12.64
N ASP A 88 3.21 -19.15 -11.42
CA ASP A 88 1.78 -19.34 -11.23
C ASP A 88 1.07 -17.99 -11.36
N ASN A 89 -0.13 -17.89 -10.80
CA ASN A 89 -0.88 -16.65 -10.88
C ASN A 89 -0.34 -15.54 -9.97
N MET A 90 0.75 -15.83 -9.27
CA MET A 90 1.36 -14.84 -8.38
C MET A 90 2.84 -14.61 -8.66
N GLY A 91 3.34 -15.24 -9.72
CA GLY A 91 4.73 -15.08 -10.08
C GLY A 91 5.73 -15.97 -9.36
N ARG A 92 5.23 -16.91 -8.56
CA ARG A 92 6.11 -17.80 -7.82
C ARG A 92 6.39 -19.10 -8.59
N THR A 93 7.66 -19.50 -8.56
CA THR A 93 8.11 -20.71 -9.26
C THR A 93 8.02 -21.92 -8.34
N PRO A 94 8.16 -23.14 -8.89
CA PRO A 94 8.10 -24.35 -8.08
C PRO A 94 9.01 -24.28 -6.87
N LEU A 95 10.13 -23.58 -7.02
CA LEU A 95 11.10 -23.43 -5.93
C LEU A 95 10.50 -22.57 -4.82
N HIS A 96 9.82 -21.51 -5.21
CA HIS A 96 9.18 -20.61 -4.25
C HIS A 96 8.26 -21.40 -3.33
N ALA A 97 7.49 -22.30 -3.92
CA ALA A 97 6.56 -23.13 -3.17
C ALA A 97 7.32 -24.09 -2.27
N ALA A 98 8.47 -24.56 -2.75
CA ALA A 98 9.29 -25.49 -1.99
C ALA A 98 9.71 -24.88 -0.65
N VAL A 99 10.00 -23.58 -0.65
CA VAL A 99 10.43 -22.88 0.56
C VAL A 99 9.21 -22.54 1.43
N SER A 100 8.22 -21.89 0.82
CA SER A 100 7.01 -21.49 1.54
C SER A 100 6.35 -22.69 2.22
N ALA A 101 6.48 -23.86 1.61
CA ALA A 101 5.89 -25.07 2.16
C ALA A 101 6.91 -25.86 2.98
N ASP A 102 8.11 -25.31 3.10
CA ASP A 102 9.18 -25.95 3.85
C ASP A 102 9.32 -27.42 3.45
N ALA A 103 9.39 -27.66 2.15
CA ALA A 103 9.51 -29.02 1.63
C ALA A 103 10.99 -29.36 1.39
N GLN A 104 11.72 -29.56 2.48
CA GLN A 104 13.13 -29.89 2.41
C GLN A 104 13.45 -30.81 1.24
N GLY A 105 12.63 -31.85 1.08
CA GLY A 105 12.82 -32.80 0.01
C GLY A 105 12.83 -32.17 -1.37
N VAL A 106 11.67 -31.71 -1.82
CA VAL A 106 11.55 -31.07 -3.13
C VAL A 106 12.52 -29.91 -3.27
N PHE A 107 12.82 -29.26 -2.16
CA PHE A 107 13.74 -28.13 -2.15
C PHE A 107 15.10 -28.54 -2.70
N GLN A 108 15.72 -29.53 -2.06
CA GLN A 108 17.02 -30.04 -2.49
C GLN A 108 17.02 -30.40 -3.97
N ILE A 109 15.97 -31.09 -4.39
CA ILE A 109 15.83 -31.51 -5.78
C ILE A 109 15.87 -30.33 -6.75
N LEU A 110 15.31 -29.21 -6.33
CA LEU A 110 15.27 -28.01 -7.16
C LEU A 110 16.59 -27.25 -7.16
N ILE A 111 17.18 -27.05 -5.99
CA ILE A 111 18.45 -26.33 -5.92
C ILE A 111 19.60 -27.20 -6.40
N ARG A 112 19.32 -28.48 -6.63
CA ARG A 112 20.33 -29.41 -7.12
C ARG A 112 20.24 -29.51 -8.64
N ASN A 113 19.27 -28.82 -9.21
CA ASN A 113 19.07 -28.82 -10.66
C ASN A 113 19.71 -27.56 -11.24
N ARG A 114 20.49 -27.75 -12.29
CA ARG A 114 21.18 -26.64 -12.96
C ARG A 114 20.22 -25.61 -13.55
N ALA A 115 19.18 -26.08 -14.21
CA ALA A 115 18.19 -25.21 -14.83
C ALA A 115 17.50 -24.28 -13.84
N THR A 116 17.01 -24.86 -12.75
CA THR A 116 16.32 -24.09 -11.71
C THR A 116 16.94 -22.73 -11.44
N ASP A 117 16.11 -21.69 -11.50
CA ASP A 117 16.56 -20.32 -11.26
C ASP A 117 16.47 -20.07 -9.74
N LEU A 118 17.61 -19.81 -9.12
CA LEU A 118 17.64 -19.56 -7.69
C LEU A 118 17.19 -18.16 -7.31
N ASP A 119 17.44 -17.19 -8.19
CA ASP A 119 17.03 -15.82 -7.93
C ASP A 119 15.71 -15.46 -8.60
N ALA A 120 14.81 -16.44 -8.67
CA ALA A 120 13.49 -16.21 -9.27
C ALA A 120 12.79 -15.13 -8.45
N ARG A 121 11.89 -14.38 -9.09
CA ARG A 121 11.19 -13.31 -8.40
C ARG A 121 9.68 -13.36 -8.62
N MET A 122 8.92 -13.30 -7.53
CA MET A 122 7.47 -13.31 -7.61
C MET A 122 7.02 -12.00 -8.27
N HIS A 123 5.72 -11.74 -8.27
CA HIS A 123 5.22 -10.51 -8.86
C HIS A 123 5.55 -9.30 -7.99
N ASP A 124 5.80 -9.55 -6.71
CA ASP A 124 6.13 -8.46 -5.78
C ASP A 124 7.62 -8.39 -5.50
N GLY A 125 8.42 -9.07 -6.32
CA GLY A 125 9.86 -9.04 -6.15
C GLY A 125 10.40 -10.01 -5.11
N THR A 126 9.52 -10.79 -4.49
CA THR A 126 9.92 -11.76 -3.47
C THR A 126 10.81 -12.84 -4.05
N THR A 127 12.03 -12.95 -3.53
CA THR A 127 12.99 -13.95 -3.98
C THR A 127 13.02 -15.13 -3.01
N PRO A 128 13.41 -16.32 -3.49
CA PRO A 128 13.48 -17.52 -2.65
C PRO A 128 14.33 -17.31 -1.39
N LEU A 129 15.48 -16.68 -1.56
CA LEU A 129 16.39 -16.42 -0.45
C LEU A 129 15.65 -15.68 0.66
N ILE A 130 14.85 -14.69 0.26
CA ILE A 130 14.07 -13.90 1.21
C ILE A 130 13.06 -14.75 1.98
N LEU A 131 12.27 -15.53 1.26
CA LEU A 131 11.27 -16.38 1.89
C LEU A 131 11.92 -17.34 2.89
N ALA A 132 13.18 -17.69 2.63
CA ALA A 132 13.90 -18.61 3.50
C ALA A 132 14.29 -17.93 4.81
N ALA A 133 14.35 -16.61 4.81
CA ALA A 133 14.71 -15.86 6.00
C ALA A 133 13.47 -15.29 6.69
N ARG A 134 12.31 -15.45 6.06
CA ARG A 134 11.06 -14.95 6.60
C ARG A 134 10.31 -15.99 7.42
N LEU A 135 9.93 -17.09 6.78
CA LEU A 135 9.18 -18.14 7.44
C LEU A 135 10.04 -18.99 8.37
N ALA A 136 11.18 -18.43 8.78
CA ALA A 136 12.11 -19.11 9.67
C ALA A 136 12.19 -20.62 9.39
N VAL A 137 12.83 -20.97 8.28
CA VAL A 137 12.99 -22.37 7.90
C VAL A 137 14.38 -22.86 8.26
N GLU A 138 14.54 -24.16 8.45
CA GLU A 138 15.83 -24.73 8.81
C GLU A 138 16.86 -24.82 7.70
N GLY A 139 17.94 -24.06 7.85
CA GLY A 139 19.02 -24.05 6.88
C GLY A 139 18.75 -23.60 5.46
N MET A 140 17.55 -23.85 4.96
CA MET A 140 17.19 -23.47 3.59
C MET A 140 17.88 -22.22 3.06
N LEU A 141 18.11 -21.25 3.93
CA LEU A 141 18.77 -20.02 3.53
C LEU A 141 20.22 -20.24 3.10
N GLU A 142 21.06 -20.69 4.02
CA GLU A 142 22.47 -20.94 3.72
C GLU A 142 22.64 -21.90 2.55
N ASP A 143 21.67 -22.80 2.37
CA ASP A 143 21.73 -23.75 1.26
C ASP A 143 21.66 -22.98 -0.05
N LEU A 144 20.74 -22.03 -0.11
CA LEU A 144 20.56 -21.20 -1.30
C LEU A 144 21.78 -20.29 -1.48
N ILE A 145 22.28 -19.75 -0.39
CA ILE A 145 23.44 -18.87 -0.43
C ILE A 145 24.67 -19.63 -0.92
N ASN A 146 24.82 -20.88 -0.49
CA ASN A 146 25.95 -21.69 -0.91
C ASN A 146 25.84 -22.06 -2.37
N SER A 147 24.62 -22.25 -2.86
CA SER A 147 24.39 -22.59 -4.26
C SER A 147 24.61 -21.36 -5.11
N HIS A 148 25.22 -20.33 -4.51
CA HIS A 148 25.51 -19.08 -5.18
C HIS A 148 24.27 -18.34 -5.66
N ALA A 149 23.54 -17.75 -4.73
CA ALA A 149 22.34 -16.99 -5.05
C ALA A 149 22.58 -15.54 -4.64
N ASP A 150 22.17 -14.60 -5.48
CA ASP A 150 22.35 -13.19 -5.20
C ASP A 150 21.85 -12.87 -3.79
N VAL A 151 22.78 -12.59 -2.88
CA VAL A 151 22.43 -12.27 -1.51
C VAL A 151 21.83 -10.88 -1.38
N ASN A 152 22.24 -9.97 -2.25
CA ASN A 152 21.74 -8.59 -2.21
C ASN A 152 20.55 -8.39 -3.15
N ALA A 153 19.75 -9.43 -3.33
CA ALA A 153 18.57 -9.34 -4.18
C ALA A 153 17.54 -8.53 -3.41
N VAL A 154 16.77 -7.71 -4.13
CA VAL A 154 15.76 -6.87 -3.49
C VAL A 154 14.37 -7.06 -4.07
N ASP A 155 13.37 -7.05 -3.19
CA ASP A 155 11.99 -7.19 -3.61
C ASP A 155 11.56 -5.91 -4.30
N ASP A 156 10.31 -5.85 -4.75
CA ASP A 156 9.81 -4.65 -5.42
C ASP A 156 9.66 -3.49 -4.45
N LEU A 157 10.30 -3.60 -3.29
CA LEU A 157 10.23 -2.55 -2.28
C LEU A 157 11.63 -2.13 -1.86
N GLY A 158 12.63 -2.92 -2.24
CA GLY A 158 14.00 -2.58 -1.90
C GLY A 158 14.57 -3.39 -0.74
N LYS A 159 13.71 -4.12 -0.04
CA LYS A 159 14.15 -4.93 1.10
C LYS A 159 14.93 -6.16 0.64
N SER A 160 16.21 -6.20 0.96
CA SER A 160 17.04 -7.33 0.60
C SER A 160 16.74 -8.48 1.55
N ALA A 161 17.37 -9.62 1.33
CA ALA A 161 17.16 -10.79 2.18
C ALA A 161 17.61 -10.47 3.60
N LEU A 162 18.70 -9.69 3.71
CA LEU A 162 19.24 -9.31 5.01
C LEU A 162 18.27 -8.42 5.76
N HIS A 163 17.45 -7.68 5.01
CA HIS A 163 16.47 -6.78 5.61
C HIS A 163 15.41 -7.56 6.37
N TRP A 164 14.75 -8.49 5.69
CA TRP A 164 13.72 -9.31 6.33
C TRP A 164 14.31 -10.07 7.50
N ALA A 165 15.58 -10.42 7.41
CA ALA A 165 16.26 -11.15 8.47
C ALA A 165 16.38 -10.26 9.70
N ALA A 166 16.30 -8.95 9.48
CA ALA A 166 16.39 -7.99 10.57
C ALA A 166 15.00 -7.68 11.14
N ALA A 167 14.01 -7.63 10.26
CA ALA A 167 12.64 -7.35 10.69
C ALA A 167 12.05 -8.55 11.42
N VAL A 168 12.54 -9.74 11.09
CA VAL A 168 12.05 -10.96 11.72
C VAL A 168 13.02 -11.41 12.82
N ASN A 169 14.01 -10.57 13.10
CA ASN A 169 15.02 -10.86 14.12
C ASN A 169 15.58 -12.27 13.93
N ASN A 170 15.90 -12.61 12.69
CA ASN A 170 16.46 -13.91 12.36
C ASN A 170 17.97 -13.83 12.40
N VAL A 171 18.52 -13.71 13.61
CA VAL A 171 19.96 -13.61 13.80
C VAL A 171 20.75 -14.66 13.04
N ASP A 172 20.45 -15.93 13.28
CA ASP A 172 21.15 -17.02 12.62
C ASP A 172 21.32 -16.75 11.12
N ALA A 173 20.21 -16.42 10.46
CA ALA A 173 20.25 -16.13 9.03
C ALA A 173 20.97 -14.82 8.76
N ALA A 174 20.81 -13.87 9.68
CA ALA A 174 21.46 -12.56 9.56
C ALA A 174 22.98 -12.70 9.51
N VAL A 175 23.50 -13.62 10.32
CA VAL A 175 24.94 -13.85 10.38
C VAL A 175 25.45 -14.43 9.06
N VAL A 176 24.74 -15.43 8.56
CA VAL A 176 25.11 -16.08 7.30
C VAL A 176 25.10 -15.09 6.14
N LEU A 177 24.01 -14.34 6.03
CA LEU A 177 23.87 -13.35 4.97
C LEU A 177 25.01 -12.34 5.01
N LEU A 178 25.50 -12.05 6.22
CA LEU A 178 26.59 -11.10 6.40
C LEU A 178 27.96 -11.69 6.05
N LYS A 179 28.29 -12.84 6.64
CA LYS A 179 29.57 -13.48 6.37
C LYS A 179 29.77 -13.73 4.88
N ASN A 180 28.66 -13.90 4.17
CA ASN A 180 28.70 -14.14 2.73
C ASN A 180 28.51 -12.87 1.91
N GLY A 181 29.10 -11.78 2.39
CA GLY A 181 29.01 -10.51 1.69
C GLY A 181 27.61 -10.02 1.39
N ALA A 182 27.13 -9.07 2.19
CA ALA A 182 25.80 -8.50 2.00
C ALA A 182 25.84 -7.03 2.41
N ASN A 183 25.35 -6.16 1.53
CA ASN A 183 25.32 -4.72 1.81
C ASN A 183 24.68 -4.48 3.17
N LYS A 184 25.50 -4.39 4.21
CA LYS A 184 25.00 -4.18 5.56
C LYS A 184 24.28 -2.85 5.73
N ASP A 185 24.57 -1.89 4.87
CA ASP A 185 23.94 -0.58 4.96
C ASP A 185 23.02 -0.29 3.77
N MET A 186 22.57 -1.34 3.10
CA MET A 186 21.67 -1.18 1.96
C MET A 186 20.36 -0.55 2.40
N GLN A 187 19.80 0.31 1.55
CA GLN A 187 18.55 0.99 1.86
C GLN A 187 17.45 0.62 0.86
N ASN A 188 16.28 0.27 1.38
CA ASN A 188 15.16 -0.09 0.53
C ASN A 188 14.58 1.20 -0.03
N ASN A 189 13.47 1.11 -0.75
CA ASN A 189 12.86 2.31 -1.33
C ASN A 189 12.62 3.42 -0.32
N ARG A 190 12.25 3.06 0.90
CA ARG A 190 12.00 4.06 1.95
C ARG A 190 13.29 4.48 2.64
N GLU A 191 14.42 4.10 2.08
CA GLU A 191 15.72 4.43 2.64
C GLU A 191 15.91 3.85 4.03
N GLU A 192 15.26 2.72 4.30
CA GLU A 192 15.37 2.05 5.59
C GLU A 192 16.52 1.04 5.55
N THR A 193 17.48 1.21 6.44
CA THR A 193 18.63 0.31 6.50
C THR A 193 18.27 -0.93 7.30
N PRO A 194 19.04 -2.03 7.13
CA PRO A 194 18.76 -3.27 7.85
C PRO A 194 18.66 -3.02 9.35
N LEU A 195 19.53 -2.14 9.85
CA LEU A 195 19.56 -1.79 11.26
C LEU A 195 18.26 -1.10 11.67
N PHE A 196 17.74 -0.26 10.78
CA PHE A 196 16.51 0.48 11.04
C PHE A 196 15.36 -0.48 11.38
N LEU A 197 15.06 -1.37 10.45
CA LEU A 197 13.98 -2.35 10.66
C LEU A 197 14.21 -3.14 11.93
N ALA A 198 15.48 -3.32 12.30
CA ALA A 198 15.84 -4.06 13.50
C ALA A 198 15.49 -3.21 14.72
N ALA A 199 15.64 -1.89 14.58
CA ALA A 199 15.34 -0.97 15.65
C ALA A 199 13.83 -0.76 15.78
N ARG A 200 13.14 -0.73 14.65
CA ARG A 200 11.69 -0.56 14.63
C ARG A 200 10.99 -1.76 15.22
N GLU A 201 11.32 -2.95 14.73
CA GLU A 201 10.72 -4.18 15.20
C GLU A 201 11.20 -4.54 16.60
N GLY A 202 12.32 -3.94 17.01
CA GLY A 202 12.85 -4.21 18.33
C GLY A 202 13.62 -5.52 18.35
N SER A 203 14.37 -5.78 17.28
CA SER A 203 15.16 -6.99 17.16
C SER A 203 16.52 -6.80 17.82
N TYR A 204 16.54 -6.90 19.15
CA TYR A 204 17.76 -6.74 19.92
C TYR A 204 18.87 -7.66 19.43
N GLU A 205 18.57 -8.95 19.36
CA GLU A 205 19.54 -9.95 18.93
C GLU A 205 20.18 -9.61 17.59
N THR A 206 19.36 -9.28 16.60
CA THR A 206 19.87 -8.93 15.27
C THR A 206 20.53 -7.56 15.27
N ALA A 207 19.98 -6.63 16.03
CA ALA A 207 20.53 -5.28 16.12
C ALA A 207 21.96 -5.37 16.61
N LYS A 208 22.19 -6.32 17.52
CA LYS A 208 23.51 -6.56 18.10
C LYS A 208 24.47 -6.95 16.99
N VAL A 209 24.14 -8.04 16.31
CA VAL A 209 24.95 -8.57 15.21
C VAL A 209 25.32 -7.47 14.21
N LEU A 210 24.31 -6.81 13.67
CA LEU A 210 24.53 -5.74 12.69
C LEU A 210 25.52 -4.72 13.23
N LEU A 211 25.32 -4.29 14.47
CA LEU A 211 26.21 -3.30 15.08
C LEU A 211 27.62 -3.85 15.22
N ASP A 212 27.74 -5.14 15.51
CA ASP A 212 29.05 -5.77 15.65
C ASP A 212 29.84 -5.63 14.36
N HIS A 213 29.18 -5.84 13.23
CA HIS A 213 29.84 -5.73 11.93
C HIS A 213 29.95 -4.27 11.48
N PHE A 214 30.26 -3.40 12.43
CA PHE A 214 30.42 -1.97 12.15
C PHE A 214 29.43 -1.42 11.13
N ALA A 215 28.16 -1.68 11.35
CA ALA A 215 27.12 -1.18 10.45
C ALA A 215 26.82 0.27 10.81
N ASN A 216 26.71 1.12 9.79
CA ASN A 216 26.44 2.54 10.01
C ASN A 216 25.08 2.69 10.69
N ARG A 217 25.04 3.48 11.75
CA ARG A 217 23.81 3.70 12.51
C ARG A 217 23.22 5.10 12.30
N ASP A 218 23.92 5.92 11.51
CA ASP A 218 23.45 7.28 11.25
C ASP A 218 22.90 7.43 9.83
N ILE A 219 22.15 6.44 9.39
CA ILE A 219 21.57 6.46 8.05
C ILE A 219 20.09 6.82 8.13
N THR A 220 19.79 8.11 7.95
CA THR A 220 18.42 8.59 8.01
C THR A 220 17.60 8.06 6.85
N ASP A 221 16.37 7.63 7.14
CA ASP A 221 15.48 7.11 6.12
C ASP A 221 15.04 8.28 5.24
N HIS A 222 14.00 8.09 4.45
CA HIS A 222 13.52 9.15 3.57
C HIS A 222 12.91 10.31 4.35
N MET A 223 12.69 10.11 5.65
CA MET A 223 12.11 11.13 6.51
C MET A 223 13.09 11.64 7.55
N ASP A 224 14.38 11.49 7.27
CA ASP A 224 15.45 11.95 8.16
C ASP A 224 15.32 11.45 9.60
N ARG A 225 15.10 10.15 9.76
CA ARG A 225 14.98 9.56 11.09
C ARG A 225 16.04 8.48 11.30
N LEU A 226 16.82 8.63 12.36
CA LEU A 226 17.87 7.66 12.67
C LEU A 226 17.28 6.43 13.34
N PRO A 227 17.94 5.27 13.19
CA PRO A 227 17.45 4.02 13.79
C PRO A 227 17.23 4.18 15.29
N ARG A 228 17.87 5.18 15.87
CA ARG A 228 17.75 5.45 17.30
C ARG A 228 16.42 6.15 17.58
N ASP A 229 15.91 6.88 16.59
CA ASP A 229 14.66 7.60 16.73
C ASP A 229 13.47 6.64 16.69
N ILE A 230 13.39 5.85 15.63
CA ILE A 230 12.31 4.89 15.46
C ILE A 230 12.25 3.98 16.68
N ALA A 231 13.43 3.64 17.22
CA ALA A 231 13.52 2.78 18.39
C ALA A 231 13.00 3.52 19.61
N GLN A 232 13.40 4.78 19.76
CA GLN A 232 12.96 5.60 20.89
C GLN A 232 11.45 5.78 20.80
N GLU A 233 10.92 5.78 19.58
CA GLU A 233 9.50 5.94 19.35
C GLU A 233 8.75 4.70 19.81
N ARG A 234 9.14 3.54 19.28
CA ARG A 234 8.51 2.27 19.66
C ARG A 234 8.78 1.99 21.13
N MET A 235 9.66 2.80 21.71
CA MET A 235 10.03 2.65 23.12
C MET A 235 10.73 1.33 23.38
N HIS A 236 11.70 1.02 22.53
CA HIS A 236 12.49 -0.20 22.64
C HIS A 236 13.84 0.17 23.26
N HIS A 237 13.78 0.67 24.48
CA HIS A 237 14.95 1.11 25.24
C HIS A 237 16.19 0.27 25.01
N ASP A 238 16.01 -1.05 24.87
CA ASP A 238 17.15 -1.94 24.65
C ASP A 238 17.97 -1.54 23.43
N ILE A 239 17.34 -1.55 22.26
CA ILE A 239 18.02 -1.17 21.03
C ILE A 239 18.66 0.21 21.17
N VAL A 240 17.93 1.13 21.78
CA VAL A 240 18.42 2.49 21.99
C VAL A 240 19.73 2.47 22.77
N ARG A 241 19.77 1.68 23.83
CA ARG A 241 20.96 1.58 24.68
C ARG A 241 22.18 1.17 23.85
N LEU A 242 21.96 0.25 22.90
CA LEU A 242 23.04 -0.21 22.03
C LEU A 242 23.52 0.91 21.11
N LEU A 243 22.58 1.50 20.39
CA LEU A 243 22.89 2.57 19.45
C LEU A 243 23.57 3.76 20.14
N ASP A 244 23.69 3.70 21.47
CA ASP A 244 24.33 4.77 22.22
C ASP A 244 25.66 4.40 22.85
N GLU A 245 25.90 3.12 23.06
CA GLU A 245 27.15 2.69 23.70
C GLU A 245 27.83 1.47 23.09
N TYR A 246 27.06 0.63 22.39
CA TYR A 246 27.63 -0.58 21.80
C TYR A 246 28.54 -0.34 20.60
N ASN A 247 29.71 -0.94 20.65
CA ASN A 247 30.72 -0.84 19.60
C ASN A 247 30.69 0.49 18.86
N LEU A 248 31.13 1.54 19.55
CA LEU A 248 31.16 2.88 18.96
C LEU A 248 32.49 3.21 18.31
N VAL A 249 32.67 4.51 17.99
CA VAL A 249 33.88 5.00 17.36
C VAL A 249 34.50 3.98 16.39
N ARG B 4 -12.85 0.74 34.86
CA ARG B 4 -13.10 0.72 33.39
C ARG B 4 -13.21 -0.71 32.85
N PRO B 5 -14.26 -0.99 32.05
CA PRO B 5 -14.49 -2.31 31.47
C PRO B 5 -13.31 -2.82 30.65
N PRO B 6 -12.62 -3.86 31.13
CA PRO B 6 -11.46 -4.44 30.44
C PRO B 6 -11.80 -4.89 29.02
N PRO B 7 -10.85 -4.76 28.09
CA PRO B 7 -11.04 -5.17 26.70
C PRO B 7 -11.59 -6.58 26.59
N LYS B 8 -12.46 -6.81 25.61
CA LYS B 8 -13.05 -8.13 25.42
C LYS B 8 -12.70 -8.78 24.09
N ARG B 9 -12.39 -10.07 24.13
CA ARG B 9 -12.06 -10.83 22.94
C ARG B 9 -13.30 -10.89 22.05
N LEU B 10 -13.17 -10.47 20.80
CA LEU B 10 -14.30 -10.48 19.88
C LEU B 10 -14.93 -11.88 19.87
N THR B 11 -16.06 -12.01 20.54
CA THR B 11 -16.76 -13.29 20.63
C THR B 11 -17.14 -13.88 19.28
N ARG B 12 -17.34 -15.20 19.27
CA ARG B 12 -17.73 -15.93 18.08
C ARG B 12 -18.96 -15.27 17.44
N GLU B 13 -20.03 -15.19 18.21
CA GLU B 13 -21.28 -14.60 17.76
C GLU B 13 -21.08 -13.18 17.25
N ALA B 14 -20.16 -12.44 17.87
CA ALA B 14 -19.88 -11.07 17.49
C ALA B 14 -19.55 -10.96 16.01
N MET B 15 -18.70 -11.86 15.52
CA MET B 15 -18.30 -11.85 14.11
C MET B 15 -19.50 -12.03 13.20
N ARG B 16 -20.26 -13.10 13.40
CA ARG B 16 -21.44 -13.37 12.59
C ARG B 16 -22.27 -12.09 12.44
N ASN B 17 -22.43 -11.37 13.54
CA ASN B 17 -23.18 -10.13 13.54
C ASN B 17 -22.59 -9.16 12.52
N TYR B 18 -21.30 -8.90 12.64
CA TYR B 18 -20.61 -7.98 11.73
C TYR B 18 -20.80 -8.44 10.29
N LEU B 19 -20.38 -9.68 10.00
CA LEU B 19 -20.51 -10.24 8.66
C LEU B 19 -21.88 -10.00 8.07
N LYS B 20 -22.89 -9.87 8.93
CA LYS B 20 -24.24 -9.62 8.48
C LYS B 20 -24.43 -8.13 8.19
N GLU B 21 -24.15 -7.30 9.19
CA GLU B 21 -24.26 -5.86 9.04
C GLU B 21 -23.12 -5.33 8.18
N ARG B 22 -21.93 -5.25 8.80
CA ARG B 22 -20.72 -4.79 8.12
C ARG B 22 -20.69 -3.27 7.97
N GLY B 23 -20.99 -2.57 9.05
CA GLY B 23 -20.97 -1.12 9.03
C GLY B 23 -19.58 -0.64 9.41
N ASP B 24 -18.64 -0.77 8.49
CA ASP B 24 -17.26 -0.38 8.71
C ASP B 24 -17.00 1.12 8.72
N GLN B 25 -16.42 1.61 9.81
CA GLN B 25 -16.08 3.02 9.93
C GLN B 25 -14.77 3.16 9.17
N THR B 26 -14.73 4.02 8.17
CA THR B 26 -13.52 4.20 7.38
C THR B 26 -13.13 5.64 7.10
N VAL B 27 -11.89 5.97 7.44
CA VAL B 27 -11.35 7.30 7.21
C VAL B 27 -10.81 7.25 5.78
N LEU B 28 -10.26 8.35 5.31
CA LEU B 28 -9.72 8.41 3.94
C LEU B 28 -9.04 9.75 3.73
N ILE B 29 -8.03 9.77 2.86
CA ILE B 29 -7.30 10.99 2.57
C ILE B 29 -6.84 11.07 1.12
N LEU B 30 -6.75 12.29 0.60
CA LEU B 30 -6.32 12.53 -0.76
C LEU B 30 -5.34 13.70 -0.73
N HIS B 31 -4.25 13.60 -1.48
CA HIS B 31 -3.24 14.66 -1.48
C HIS B 31 -2.30 14.57 -2.67
N ALA B 32 -1.67 15.70 -3.00
CA ALA B 32 -0.72 15.76 -4.10
C ALA B 32 0.59 15.12 -3.66
N LYS B 33 1.10 14.19 -4.47
CA LYS B 33 2.35 13.51 -4.14
C LYS B 33 3.52 14.46 -3.99
N VAL B 34 3.32 15.73 -4.37
CA VAL B 34 4.38 16.73 -4.28
C VAL B 34 3.90 17.99 -3.58
N ALA B 35 4.83 18.73 -2.98
CA ALA B 35 4.51 19.97 -2.28
C ALA B 35 5.57 21.03 -2.51
N GLN B 36 5.13 22.29 -2.57
CA GLN B 36 6.04 23.42 -2.77
C GLN B 36 6.49 23.97 -1.43
N LYS B 37 7.81 23.98 -1.21
CA LYS B 37 8.36 24.48 0.04
C LYS B 37 8.42 26.00 0.07
N SER B 38 7.90 26.59 1.14
CA SER B 38 7.88 28.04 1.30
C SER B 38 9.11 28.51 2.06
N TYR B 39 9.77 29.54 1.53
CA TYR B 39 10.97 30.08 2.16
C TYR B 39 10.65 31.28 3.05
N GLY B 40 11.61 31.68 3.87
CA GLY B 40 11.41 32.81 4.76
C GLY B 40 10.13 32.67 5.56
N ASN B 41 9.28 33.69 5.50
CA ASN B 41 8.02 33.67 6.21
C ASN B 41 6.86 33.51 5.23
N GLU B 42 7.20 33.12 4.00
CA GLU B 42 6.22 32.90 2.95
C GLU B 42 5.21 31.86 3.39
N LYS B 43 4.26 31.55 2.51
CA LYS B 43 3.24 30.55 2.82
C LYS B 43 2.55 30.01 1.58
N ARG B 44 3.21 29.08 0.89
CA ARG B 44 2.64 28.47 -0.31
C ARG B 44 1.84 27.24 0.06
N PHE B 45 0.54 27.43 0.27
CA PHE B 45 -0.38 26.37 0.66
C PHE B 45 -0.27 25.12 -0.21
N PHE B 46 -0.91 24.05 0.22
CA PHE B 46 -0.91 22.78 -0.51
C PHE B 46 -2.06 22.75 -1.51
N CYS B 47 -1.73 22.85 -2.79
CA CYS B 47 -2.74 22.83 -3.83
C CYS B 47 -2.49 21.67 -4.79
N PRO B 48 -3.47 20.77 -4.96
CA PRO B 48 -4.80 20.79 -4.33
C PRO B 48 -4.75 20.63 -2.81
N PRO B 49 -5.81 21.07 -2.11
CA PRO B 49 -5.90 20.97 -0.65
C PRO B 49 -6.24 19.56 -0.18
N PRO B 50 -5.41 19.00 0.72
CA PRO B 50 -5.61 17.66 1.26
C PRO B 50 -7.01 17.48 1.85
N CYS B 51 -7.83 16.64 1.20
CA CYS B 51 -9.18 16.38 1.67
C CYS B 51 -9.20 15.14 2.56
N VAL B 52 -10.17 15.08 3.46
CA VAL B 52 -10.29 13.94 4.37
C VAL B 52 -11.74 13.48 4.50
N TYR B 53 -12.17 12.61 3.57
CA TYR B 53 -13.53 12.10 3.59
C TYR B 53 -13.70 11.10 4.73
N LEU B 54 -14.95 10.78 5.07
CA LEU B 54 -15.25 9.82 6.11
C LEU B 54 -16.36 8.90 5.60
N MET B 55 -16.02 8.12 4.58
CA MET B 55 -16.97 7.20 3.97
C MET B 55 -17.34 6.07 4.90
N GLY B 56 -18.32 5.27 4.50
CA GLY B 56 -18.75 4.15 5.31
C GLY B 56 -20.07 4.40 6.02
N SER B 57 -20.86 3.35 6.18
CA SER B 57 -22.16 3.46 6.83
C SER B 57 -21.97 3.38 8.34
N GLY B 58 -20.91 2.72 8.77
CA GLY B 58 -20.63 2.57 10.18
C GLY B 58 -20.48 3.90 10.91
N TRP B 59 -19.95 4.90 10.20
CA TRP B 59 -19.76 6.21 10.78
C TRP B 59 -21.03 6.71 11.46
N LYS B 60 -22.17 6.49 10.81
CA LYS B 60 -23.45 6.92 11.37
C LYS B 60 -23.86 6.01 12.52
N LYS B 61 -23.72 4.71 12.32
CA LYS B 61 -24.07 3.74 13.36
C LYS B 61 -23.31 4.03 14.65
N LYS B 62 -22.20 4.76 14.52
CA LYS B 62 -21.38 5.11 15.68
C LYS B 62 -22.05 6.29 16.38
N LYS B 63 -22.55 7.24 15.59
CA LYS B 63 -23.22 8.41 16.12
C LYS B 63 -24.41 7.98 16.97
N GLU B 64 -25.26 7.15 16.38
CA GLU B 64 -26.46 6.65 17.07
C GLU B 64 -26.09 5.91 18.36
N GLN B 65 -25.09 5.03 18.26
CA GLN B 65 -24.64 4.25 19.40
C GLN B 65 -24.09 5.13 20.52
N MET B 66 -23.40 6.20 20.16
CA MET B 66 -22.83 7.10 21.15
C MET B 66 -23.89 7.90 21.89
N GLU B 67 -24.88 8.42 21.17
CA GLU B 67 -25.95 9.20 21.77
C GLU B 67 -26.86 8.32 22.63
N ARG B 68 -27.01 7.06 22.23
CA ARG B 68 -27.86 6.13 22.97
C ARG B 68 -27.30 5.86 24.36
N ASP B 69 -26.24 6.58 24.71
CA ASP B 69 -25.60 6.43 26.01
C ASP B 69 -25.33 7.80 26.62
N GLY B 70 -26.00 8.82 26.10
CA GLY B 70 -25.83 10.17 26.62
C GLY B 70 -24.75 10.97 25.93
N CYS B 71 -25.06 11.48 24.74
CA CYS B 71 -24.11 12.28 23.97
C CYS B 71 -24.82 13.35 23.16
N SER B 72 -24.36 14.58 23.30
CA SER B 72 -24.94 15.71 22.57
C SER B 72 -24.58 15.64 21.09
N GLU B 73 -25.21 16.49 20.30
CA GLU B 73 -24.95 16.55 18.86
C GLU B 73 -23.49 16.99 18.72
N GLN B 74 -22.94 17.48 19.82
CA GLN B 74 -21.57 17.98 19.88
C GLN B 74 -20.60 16.95 20.47
N GLU B 75 -21.13 16.07 21.33
CA GLU B 75 -20.29 15.05 21.96
C GLU B 75 -20.07 13.83 21.08
N SER B 76 -20.87 13.71 20.02
CA SER B 76 -20.74 12.59 19.12
C SER B 76 -20.22 13.02 17.74
N GLN B 77 -20.00 14.32 17.60
CA GLN B 77 -19.49 14.87 16.34
C GLN B 77 -17.99 14.67 16.22
N PRO B 78 -17.57 13.77 15.32
CA PRO B 78 -16.15 13.48 15.08
C PRO B 78 -15.32 14.71 14.73
N CYS B 79 -14.32 14.99 15.57
CA CYS B 79 -13.44 16.13 15.35
C CYS B 79 -12.10 15.61 14.83
N ALA B 80 -11.29 16.50 14.26
CA ALA B 80 -10.00 16.08 13.72
C ALA B 80 -9.10 17.25 13.31
N PHE B 81 -7.80 17.03 13.43
CA PHE B 81 -6.80 18.04 13.06
C PHE B 81 -5.88 17.43 12.01
N ILE B 82 -4.96 18.22 11.49
CA ILE B 82 -4.03 17.73 10.47
C ILE B 82 -2.69 18.47 10.58
N GLY B 83 -1.60 17.72 10.48
CA GLY B 83 -0.29 18.33 10.58
C GLY B 83 0.75 17.71 9.67
N ILE B 84 1.98 18.22 9.74
CA ILE B 84 3.07 17.72 8.90
C ILE B 84 4.02 16.84 9.70
N GLY B 85 3.92 15.52 9.49
CA GLY B 85 4.77 14.56 10.17
C GLY B 85 5.20 14.98 11.56
N ASN B 86 6.50 14.83 11.84
CA ASN B 86 7.06 15.19 13.14
C ASN B 86 7.62 16.61 13.13
N SER B 87 6.84 17.54 12.63
CA SER B 87 7.25 18.94 12.57
C SER B 87 6.76 19.68 13.81
N ASP B 88 7.55 20.65 14.27
CA ASP B 88 7.18 21.42 15.45
C ASP B 88 6.26 22.60 15.14
N GLN B 89 5.22 22.33 14.38
CA GLN B 89 4.24 23.35 14.01
C GLN B 89 2.93 23.04 14.72
N GLU B 90 1.88 23.76 14.36
CA GLU B 90 0.57 23.56 14.97
C GLU B 90 -0.39 22.81 14.05
N MET B 91 -1.01 21.78 14.57
CA MET B 91 -1.97 20.98 13.81
C MET B 91 -3.27 21.73 13.59
N GLN B 92 -3.40 22.32 12.41
CA GLN B 92 -4.60 23.06 12.05
C GLN B 92 -5.82 22.14 12.17
N GLN B 93 -6.92 22.69 12.68
CA GLN B 93 -8.15 21.90 12.85
C GLN B 93 -8.93 21.78 11.56
N LEU B 94 -9.99 20.98 11.60
CA LEU B 94 -10.85 20.77 10.44
C LEU B 94 -12.31 20.94 10.86
N ASN B 95 -13.13 21.47 9.95
CA ASN B 95 -14.55 21.69 10.24
C ASN B 95 -15.40 20.63 9.53
N LEU B 96 -15.67 19.54 10.24
CA LEU B 96 -16.45 18.44 9.68
C LEU B 96 -17.92 18.48 10.08
N GLU B 97 -18.40 19.66 10.49
CA GLU B 97 -19.80 19.80 10.88
C GLU B 97 -20.75 19.63 9.71
N GLY B 98 -21.63 18.64 9.80
CA GLY B 98 -22.59 18.40 8.73
C GLY B 98 -21.96 17.82 7.49
N LYS B 99 -20.81 18.35 7.09
CA LYS B 99 -20.11 17.87 5.91
C LYS B 99 -19.63 16.44 6.07
N ASN B 100 -19.39 15.77 4.94
CA ASN B 100 -18.93 14.39 4.95
C ASN B 100 -17.44 14.35 4.67
N TYR B 101 -16.84 15.53 4.52
CA TYR B 101 -15.42 15.67 4.25
C TYR B 101 -14.89 16.97 4.84
N CYS B 102 -13.75 17.44 4.34
CA CYS B 102 -13.14 18.68 4.80
C CYS B 102 -11.73 18.82 4.25
N THR B 103 -11.44 19.97 3.65
CA THR B 103 -10.13 20.23 3.07
C THR B 103 -9.35 21.26 3.88
N ALA B 104 -8.05 21.03 4.02
CA ALA B 104 -7.18 21.94 4.75
C ALA B 104 -6.56 22.93 3.76
N LYS B 105 -7.34 23.95 3.41
CA LYS B 105 -6.91 24.96 2.44
C LYS B 105 -5.82 25.91 2.95
N THR B 106 -5.03 25.48 3.93
CA THR B 106 -3.97 26.34 4.44
C THR B 106 -2.72 25.61 4.92
N LEU B 107 -2.60 24.34 4.58
CA LEU B 107 -1.42 23.55 4.97
C LEU B 107 -0.21 24.02 4.16
N TYR B 108 0.91 24.22 4.84
CA TYR B 108 2.12 24.66 4.17
C TYR B 108 3.36 24.21 4.94
N ILE B 109 4.45 24.00 4.22
CA ILE B 109 5.71 23.56 4.82
C ILE B 109 6.80 24.60 4.60
N SER B 110 7.50 24.96 5.68
CA SER B 110 8.58 25.93 5.59
C SER B 110 9.88 25.28 5.13
N ASP B 111 10.87 26.11 4.81
CA ASP B 111 12.17 25.60 4.35
C ASP B 111 13.01 25.15 5.54
N SER B 112 12.45 25.28 6.73
CA SER B 112 13.14 24.88 7.95
C SER B 112 13.20 23.36 8.01
N ASP B 113 12.14 22.72 7.53
CA ASP B 113 12.06 21.26 7.51
C ASP B 113 12.91 20.75 6.35
N LYS B 114 14.16 20.40 6.65
CA LYS B 114 15.08 19.91 5.63
C LYS B 114 14.80 18.47 5.22
N ARG B 115 13.53 18.06 5.27
CA ARG B 115 13.16 16.71 4.89
C ARG B 115 12.88 16.57 3.40
N LYS B 116 13.40 15.50 2.81
CA LYS B 116 13.22 15.23 1.39
C LYS B 116 11.77 14.78 1.19
N HIS B 117 11.21 14.19 2.24
CA HIS B 117 9.84 13.68 2.21
C HIS B 117 9.14 13.94 3.53
N PHE B 118 7.86 13.63 3.57
CA PHE B 118 7.03 13.78 4.76
C PHE B 118 5.63 13.30 4.43
N MET B 119 4.77 13.22 5.44
CA MET B 119 3.41 12.77 5.22
C MET B 119 2.42 13.39 6.21
N LEU B 120 1.27 13.79 5.68
CA LEU B 120 0.22 14.41 6.46
C LEU B 120 -0.27 13.56 7.62
N SER B 121 -0.28 14.15 8.82
CA SER B 121 -0.74 13.46 10.02
C SER B 121 -2.13 13.98 10.36
N VAL B 122 -3.07 13.06 10.58
CA VAL B 122 -4.43 13.45 10.90
C VAL B 122 -4.92 12.92 12.24
N LYS B 123 -4.74 13.71 13.29
CA LYS B 123 -5.19 13.34 14.61
C LYS B 123 -6.72 13.30 14.53
N MET B 124 -7.34 12.38 15.26
CA MET B 124 -8.80 12.30 15.22
C MET B 124 -9.40 11.78 16.51
N PHE B 125 -10.49 12.42 16.94
CA PHE B 125 -11.19 12.04 18.17
C PHE B 125 -12.61 12.58 18.14
N TYR B 126 -13.52 11.89 18.82
CA TYR B 126 -14.91 12.32 18.86
C TYR B 126 -15.09 13.56 19.73
N GLY B 127 -16.33 14.04 19.81
CA GLY B 127 -16.62 15.23 20.60
C GLY B 127 -16.26 15.11 22.06
N ASN B 128 -16.58 13.96 22.66
CA ASN B 128 -16.29 13.73 24.07
C ASN B 128 -14.87 13.22 24.29
N SER B 129 -13.92 13.84 23.60
CA SER B 129 -12.50 13.48 23.70
C SER B 129 -12.22 11.98 23.58
N ASP B 130 -13.17 11.24 23.02
CA ASP B 130 -12.99 9.80 22.83
C ASP B 130 -11.98 9.60 21.70
N ASP B 131 -10.81 9.08 22.06
CA ASP B 131 -9.74 8.86 21.09
C ASP B 131 -10.15 7.99 19.91
N ILE B 132 -9.71 8.37 18.72
CA ILE B 132 -10.01 7.62 17.50
C ILE B 132 -8.71 7.06 16.92
N GLY B 133 -7.67 7.88 16.89
CA GLY B 133 -6.40 7.44 16.36
C GLY B 133 -5.75 8.49 15.46
N VAL B 134 -4.60 8.13 14.90
CA VAL B 134 -3.86 9.04 14.03
C VAL B 134 -3.70 8.40 12.64
N PHE B 135 -4.40 8.95 11.66
CA PHE B 135 -4.35 8.43 10.30
C PHE B 135 -3.40 9.26 9.45
N LEU B 136 -2.47 8.59 8.77
CA LEU B 136 -1.50 9.26 7.93
C LEU B 136 -1.81 9.08 6.46
N SER B 137 -1.08 9.80 5.61
CA SER B 137 -1.27 9.71 4.17
C SER B 137 0.06 9.33 3.54
N LYS B 138 0.03 8.89 2.29
CA LYS B 138 1.24 8.49 1.59
C LYS B 138 2.28 9.62 1.68
N ARG B 139 3.52 9.29 1.34
CA ARG B 139 4.60 10.26 1.37
C ARG B 139 4.44 11.40 0.37
N ILE B 140 5.08 12.53 0.66
CA ILE B 140 5.02 13.71 -0.20
C ILE B 140 6.42 14.28 -0.42
N LYS B 141 6.84 14.36 -1.66
CA LYS B 141 8.17 14.89 -1.98
C LYS B 141 8.19 16.41 -1.90
N VAL B 142 9.30 16.96 -1.44
CA VAL B 142 9.46 18.41 -1.31
C VAL B 142 10.27 18.97 -2.46
N ILE B 143 9.68 19.91 -3.19
CA ILE B 143 10.36 20.54 -4.32
C ILE B 143 10.56 22.02 -4.07
N SER B 144 11.76 22.52 -4.35
CA SER B 144 12.08 23.93 -4.15
C SER B 144 11.45 24.78 -5.24
N LYS B 145 11.03 24.13 -6.32
CA LYS B 145 10.39 24.80 -7.46
C LYS B 145 10.21 23.80 -8.60
N PRO B 146 9.04 23.82 -9.25
CA PRO B 146 8.79 22.90 -10.36
C PRO B 146 9.76 23.10 -11.51
N SER B 147 10.60 22.10 -11.77
CA SER B 147 11.57 22.19 -12.86
C SER B 147 10.89 22.49 -14.18
N LYS B 148 10.74 23.78 -14.49
CA LYS B 148 10.11 24.19 -15.73
C LYS B 148 11.03 23.87 -16.90
N LYS B 149 12.26 23.50 -16.56
CA LYS B 149 13.27 23.15 -17.57
C LYS B 149 12.98 21.75 -18.11
N LYS B 150 13.84 21.27 -18.99
CA LYS B 150 13.68 19.95 -19.59
C LYS B 150 13.65 18.86 -18.52
N GLN B 151 13.05 17.73 -18.85
CA GLN B 151 12.95 16.60 -17.93
C GLN B 151 13.44 15.31 -18.57
N SER B 152 14.40 14.66 -17.91
CA SER B 152 14.95 13.40 -18.42
C SER B 152 14.19 12.24 -17.79
N LEU B 153 13.87 11.24 -18.59
CA LEU B 153 13.14 10.08 -18.11
C LEU B 153 14.00 9.19 -17.22
N LYS B 154 14.95 9.79 -16.51
CA LYS B 154 15.82 9.05 -15.62
C LYS B 154 15.39 9.24 -14.16
N ASN B 155 14.94 10.46 -13.85
CA ASN B 155 14.49 10.76 -12.50
C ASN B 155 12.97 10.81 -12.50
N ALA B 156 12.35 9.66 -12.25
CA ALA B 156 10.90 9.55 -12.22
C ALA B 156 10.29 10.21 -10.99
N ASP B 157 9.14 9.70 -10.57
CA ASP B 157 8.43 10.22 -9.41
C ASP B 157 7.87 11.61 -9.72
N LEU B 158 8.60 12.36 -10.54
CA LEU B 158 8.21 13.70 -10.95
C LEU B 158 7.50 13.62 -12.29
N CYS B 159 7.62 12.47 -12.95
CA CYS B 159 7.01 12.25 -14.25
C CYS B 159 5.73 11.43 -14.10
N ILE B 160 4.62 11.98 -14.57
CA ILE B 160 3.34 11.30 -14.51
C ILE B 160 3.33 10.08 -15.44
N ALA B 161 2.69 9.01 -14.99
CA ALA B 161 2.61 7.78 -15.78
C ALA B 161 1.18 7.46 -16.16
N SER B 162 1.01 6.79 -17.30
CA SER B 162 -0.32 6.41 -17.78
C SER B 162 -0.99 5.44 -16.82
N GLY B 163 -2.11 5.87 -16.23
CA GLY B 163 -2.83 5.03 -15.30
C GLY B 163 -3.01 5.67 -13.93
N THR B 164 -1.98 6.39 -13.49
CA THR B 164 -2.03 7.05 -12.18
C THR B 164 -3.14 8.10 -12.17
N LYS B 165 -3.30 8.76 -11.02
CA LYS B 165 -4.32 9.78 -10.85
C LYS B 165 -3.66 11.15 -10.76
N VAL B 166 -4.39 12.18 -11.18
CA VAL B 166 -3.86 13.54 -11.14
C VAL B 166 -4.94 14.58 -10.85
N ALA B 167 -4.50 15.82 -10.65
CA ALA B 167 -5.40 16.93 -10.36
C ALA B 167 -4.97 18.16 -11.18
N LEU B 168 -5.94 18.84 -11.77
CA LEU B 168 -5.66 20.03 -12.57
C LEU B 168 -6.49 21.22 -12.10
N PHE B 169 -5.80 22.29 -11.71
CA PHE B 169 -6.48 23.49 -11.24
C PHE B 169 -6.14 24.71 -12.09
N ASN B 170 -6.77 25.84 -11.78
CA ASN B 170 -6.54 27.07 -12.52
C ASN B 170 -6.35 28.27 -11.59
N ARG B 171 -5.35 29.09 -11.90
CA ARG B 171 -5.04 30.27 -11.10
C ARG B 171 -5.25 31.53 -11.95
N LEU B 172 -6.21 32.37 -11.54
CA LEU B 172 -6.51 33.59 -12.27
C LEU B 172 -5.78 34.83 -11.73
N ARG B 173 -5.22 35.60 -12.65
CA ARG B 173 -4.49 36.82 -12.32
C ARG B 173 -3.58 36.73 -11.10
N SER B 174 -3.12 35.53 -10.80
CA SER B 174 -2.22 35.30 -9.67
C SER B 174 -2.84 35.58 -8.31
N GLN B 175 -4.04 35.05 -8.07
CA GLN B 175 -4.73 35.24 -6.80
C GLN B 175 -5.23 33.92 -6.21
N THR B 176 -4.78 33.63 -5.00
CA THR B 176 -5.13 32.42 -4.29
C THR B 176 -6.63 32.27 -4.02
N VAL B 177 -7.37 33.37 -4.15
CA VAL B 177 -8.81 33.37 -3.91
C VAL B 177 -9.59 32.88 -5.13
N SER B 178 -8.97 32.94 -6.30
CA SER B 178 -9.62 32.52 -7.54
C SER B 178 -9.49 31.02 -7.80
N THR B 179 -8.27 30.50 -7.63
CA THR B 179 -7.97 29.09 -7.85
C THR B 179 -9.19 28.17 -7.88
N ARG B 180 -9.39 27.52 -9.03
CA ARG B 180 -10.52 26.61 -9.21
C ARG B 180 -9.97 25.25 -9.67
N TYR B 181 -10.51 24.18 -9.11
CA TYR B 181 -10.05 22.83 -9.46
C TYR B 181 -11.06 22.13 -10.36
N LEU B 182 -10.57 21.19 -11.17
CA LEU B 182 -11.42 20.43 -12.06
C LEU B 182 -12.21 19.42 -11.24
N HIS B 183 -13.53 19.53 -11.26
CA HIS B 183 -14.38 18.64 -10.49
C HIS B 183 -15.54 18.11 -11.34
N VAL B 184 -16.28 17.14 -10.79
CA VAL B 184 -17.41 16.53 -11.48
C VAL B 184 -18.57 16.27 -10.54
N GLU B 185 -19.79 16.51 -11.01
CA GLU B 185 -20.99 16.30 -10.22
C GLU B 185 -22.22 16.63 -11.07
N GLY B 186 -23.36 16.06 -10.70
CA GLY B 186 -24.58 16.32 -11.44
C GLY B 186 -24.58 15.69 -12.82
N GLY B 187 -23.40 15.35 -13.32
CA GLY B 187 -23.29 14.73 -14.62
C GLY B 187 -22.45 15.53 -15.61
N ASN B 188 -21.78 16.56 -15.12
CA ASN B 188 -20.92 17.39 -15.96
C ASN B 188 -19.64 17.79 -15.25
N PHE B 189 -18.74 18.43 -15.98
CA PHE B 189 -17.46 18.86 -15.43
C PHE B 189 -17.50 20.32 -14.97
N HIS B 190 -17.61 20.51 -13.67
CA HIS B 190 -17.65 21.85 -13.09
C HIS B 190 -16.26 22.48 -13.08
N ALA B 191 -15.94 23.14 -11.98
CA ALA B 191 -14.65 23.78 -11.79
C ALA B 191 -14.62 24.34 -10.36
N SER B 192 -15.57 23.87 -9.56
CA SER B 192 -15.70 24.29 -8.17
C SER B 192 -14.36 24.53 -7.48
N SER B 193 -14.21 25.71 -6.89
CA SER B 193 -12.98 26.06 -6.18
C SER B 193 -13.12 25.56 -4.75
N GLN B 194 -14.16 24.77 -4.50
CA GLN B 194 -14.42 24.23 -3.18
C GLN B 194 -14.04 22.75 -3.11
N GLN B 195 -14.05 22.09 -4.26
CA GLN B 195 -13.72 20.67 -4.34
C GLN B 195 -12.79 20.37 -5.50
N TRP B 196 -12.06 19.27 -5.38
CA TRP B 196 -11.14 18.82 -6.42
C TRP B 196 -11.16 17.30 -6.46
N GLY B 197 -10.99 16.72 -7.63
CA GLY B 197 -11.01 15.28 -7.75
C GLY B 197 -9.84 14.71 -8.54
N ALA B 198 -9.51 13.45 -8.26
CA ALA B 198 -8.43 12.76 -8.95
C ALA B 198 -8.95 12.23 -10.28
N PHE B 199 -8.18 12.43 -11.34
CA PHE B 199 -8.58 11.98 -12.67
C PHE B 199 -7.53 11.10 -13.33
N PHE B 200 -7.92 9.86 -13.65
CA PHE B 200 -7.00 8.94 -14.31
C PHE B 200 -6.47 9.63 -15.56
N ILE B 201 -5.23 9.34 -15.93
CA ILE B 201 -4.64 9.95 -17.11
C ILE B 201 -3.98 8.89 -17.99
N HIS B 202 -4.83 8.07 -18.60
CA HIS B 202 -4.36 7.00 -19.47
C HIS B 202 -3.69 7.54 -20.72
N LEU B 203 -2.79 6.75 -21.29
CA LEU B 203 -2.07 7.15 -22.50
C LEU B 203 -2.63 6.36 -23.67
N LEU B 204 -3.17 7.08 -24.66
CA LEU B 204 -3.75 6.44 -25.83
C LEU B 204 -2.89 6.63 -27.07
N ASP B 205 -2.72 5.56 -27.84
CA ASP B 205 -1.93 5.61 -29.06
C ASP B 205 -2.64 6.50 -30.07
N ASP B 206 -1.87 7.28 -30.81
CA ASP B 206 -2.41 8.20 -31.82
C ASP B 206 -3.54 7.59 -32.64
N ASP B 207 -3.50 6.28 -32.82
CA ASP B 207 -4.52 5.59 -33.60
C ASP B 207 -5.65 5.12 -32.70
N GLU B 208 -6.21 6.03 -31.91
CA GLU B 208 -7.29 5.68 -31.00
C GLU B 208 -8.65 6.00 -31.61
N SER B 209 -9.68 5.28 -31.16
CA SER B 209 -11.03 5.46 -31.66
C SER B 209 -11.81 6.62 -31.04
N GLU B 210 -13.08 6.37 -30.74
CA GLU B 210 -13.97 7.38 -30.17
C GLU B 210 -13.86 7.54 -28.65
N GLY B 211 -14.40 6.57 -27.91
CA GLY B 211 -14.36 6.67 -26.46
C GLY B 211 -14.38 5.36 -25.71
N GLU B 212 -15.44 5.14 -24.93
CA GLU B 212 -15.62 3.94 -24.13
C GLU B 212 -15.15 2.64 -24.77
N GLU B 213 -14.76 1.70 -23.93
CA GLU B 213 -14.28 0.40 -24.36
C GLU B 213 -13.02 0.50 -25.21
N PHE B 214 -12.19 1.49 -24.91
CA PHE B 214 -10.94 1.68 -25.64
C PHE B 214 -9.82 0.92 -24.95
N THR B 215 -8.58 1.20 -25.35
CA THR B 215 -7.42 0.54 -24.77
C THR B 215 -6.31 1.53 -24.44
N VAL B 216 -5.73 1.37 -23.26
CA VAL B 216 -4.66 2.25 -22.81
C VAL B 216 -3.35 1.46 -22.80
N ARG B 217 -2.23 2.17 -22.84
CA ARG B 217 -0.92 1.52 -22.83
C ARG B 217 0.02 2.19 -21.85
N ASP B 218 0.81 1.37 -21.15
CA ASP B 218 1.76 1.87 -20.15
C ASP B 218 2.68 2.94 -20.73
N GLY B 219 3.55 3.46 -19.87
CA GLY B 219 4.49 4.49 -20.30
C GLY B 219 4.19 5.84 -19.70
N TYR B 220 5.22 6.68 -19.62
CA TYR B 220 5.09 8.02 -19.07
C TYR B 220 4.42 8.91 -20.11
N ILE B 221 4.09 10.14 -19.73
CA ILE B 221 3.43 11.05 -20.64
C ILE B 221 4.22 12.31 -21.00
N HIS B 222 4.35 12.55 -22.29
CA HIS B 222 5.05 13.71 -22.81
C HIS B 222 4.03 14.51 -23.61
N TYR B 223 4.16 15.84 -23.61
CA TYR B 223 3.23 16.68 -24.35
C TYR B 223 3.12 16.19 -25.79
N GLY B 224 1.89 16.12 -26.30
CA GLY B 224 1.68 15.66 -27.66
C GLY B 224 0.90 14.37 -27.73
N GLN B 225 1.17 13.46 -26.80
CA GLN B 225 0.48 12.18 -26.76
C GLN B 225 -1.02 12.35 -26.51
N THR B 226 -1.81 11.49 -27.12
CA THR B 226 -3.26 11.55 -26.96
C THR B 226 -3.66 10.86 -25.66
N VAL B 227 -3.81 11.64 -24.59
CA VAL B 227 -4.20 11.11 -23.30
C VAL B 227 -5.70 11.28 -23.05
N LYS B 228 -6.23 10.52 -22.09
CA LYS B 228 -7.64 10.60 -21.77
C LYS B 228 -7.82 10.66 -20.26
N LEU B 229 -8.56 11.66 -19.79
CA LEU B 229 -8.79 11.86 -18.36
C LEU B 229 -10.16 11.33 -17.92
N VAL B 230 -10.14 10.30 -17.08
CA VAL B 230 -11.37 9.69 -16.58
C VAL B 230 -11.56 9.99 -15.09
N CYS B 231 -12.79 10.25 -14.69
CA CYS B 231 -13.09 10.55 -13.29
C CYS B 231 -12.87 9.30 -12.44
N SER B 232 -11.98 9.41 -11.46
CA SER B 232 -11.67 8.30 -10.57
C SER B 232 -12.83 7.91 -9.66
N VAL B 233 -13.92 8.66 -9.73
CA VAL B 233 -15.08 8.38 -8.90
C VAL B 233 -16.33 8.09 -9.73
N THR B 234 -16.98 9.15 -10.21
CA THR B 234 -18.18 9.00 -11.01
C THR B 234 -17.95 8.09 -12.21
N GLY B 235 -16.88 8.34 -12.95
CA GLY B 235 -16.57 7.51 -14.10
C GLY B 235 -16.57 8.29 -15.41
N MET B 236 -17.46 9.29 -15.49
CA MET B 236 -17.55 10.10 -16.70
C MET B 236 -16.23 10.80 -17.00
N ALA B 237 -15.81 10.74 -18.26
CA ALA B 237 -14.56 11.34 -18.69
C ALA B 237 -14.72 12.23 -19.92
N LEU B 238 -13.72 13.06 -20.17
CA LEU B 238 -13.73 13.97 -21.31
C LEU B 238 -13.19 13.26 -22.55
N PRO B 239 -13.80 13.53 -23.72
CA PRO B 239 -13.37 12.90 -24.97
C PRO B 239 -11.89 13.14 -25.26
N ARG B 240 -11.29 12.21 -25.99
CA ARG B 240 -9.87 12.27 -26.37
C ARG B 240 -9.23 13.65 -26.29
N LEU B 241 -8.12 13.75 -25.56
CA LEU B 241 -7.42 15.02 -25.42
C LEU B 241 -5.92 14.87 -25.65
N ILE B 242 -5.28 15.97 -26.07
CA ILE B 242 -3.85 15.98 -26.32
C ILE B 242 -3.22 17.12 -25.53
N ILE B 243 -2.40 16.77 -24.54
CA ILE B 243 -1.74 17.76 -23.70
C ILE B 243 -0.59 18.44 -24.42
N ARG B 244 -0.47 19.75 -24.23
CA ARG B 244 0.60 20.52 -24.86
C ARG B 244 1.25 21.45 -23.84
N LYS B 245 2.59 21.49 -23.86
CA LYS B 245 3.34 22.34 -22.95
C LYS B 245 3.02 23.80 -23.25
N VAL B 246 2.71 24.58 -22.21
CA VAL B 246 2.39 25.99 -22.41
C VAL B 246 3.28 26.92 -21.60
N ASP B 247 3.29 28.18 -22.01
CA ASP B 247 4.08 29.22 -21.35
C ASP B 247 3.77 30.55 -22.01
N LYS B 248 3.58 31.58 -21.20
CA LYS B 248 3.29 32.92 -21.69
C LYS B 248 1.98 32.95 -22.49
N GLN B 249 0.94 32.34 -21.93
CA GLN B 249 -0.37 32.31 -22.56
C GLN B 249 -0.37 31.71 -23.96
N THR B 250 0.65 30.92 -24.29
CA THR B 250 0.73 30.30 -25.60
C THR B 250 0.86 28.78 -25.53
N ALA B 251 -0.13 28.09 -26.08
CA ALA B 251 -0.12 26.62 -26.09
C ALA B 251 0.64 26.13 -27.31
N LEU B 252 1.80 25.53 -27.08
CA LEU B 252 2.65 25.02 -28.15
C LEU B 252 2.11 23.74 -28.76
N LEU B 253 2.56 23.44 -29.98
CA LEU B 253 2.15 22.24 -30.69
C LEU B 253 3.37 21.35 -30.88
N ASP B 254 4.55 21.96 -30.79
CA ASP B 254 5.81 21.25 -30.92
C ASP B 254 6.52 21.14 -29.58
N ALA B 255 6.16 20.12 -28.81
CA ALA B 255 6.76 19.89 -27.50
C ALA B 255 6.70 18.41 -27.15
N ASP B 256 7.81 17.71 -27.34
CA ASP B 256 7.87 16.28 -27.04
C ASP B 256 8.33 16.05 -25.61
N ASP B 257 8.71 17.13 -24.94
CA ASP B 257 9.18 17.07 -23.56
C ASP B 257 8.22 16.27 -22.68
N PRO B 258 8.73 15.57 -21.67
CA PRO B 258 7.91 14.77 -20.77
C PRO B 258 7.22 15.64 -19.73
N VAL B 259 5.91 15.49 -19.59
CA VAL B 259 5.15 16.27 -18.63
C VAL B 259 5.66 16.04 -17.21
N SER B 260 6.02 17.13 -16.53
CA SER B 260 6.53 17.05 -15.18
C SER B 260 5.53 17.59 -14.17
N GLN B 261 5.80 17.37 -12.89
CA GLN B 261 4.91 17.82 -11.82
C GLN B 261 4.86 19.35 -11.79
N LEU B 262 3.66 19.89 -11.57
CA LEU B 262 3.46 21.33 -11.51
C LEU B 262 3.92 22.02 -12.79
N HIS B 263 3.31 21.64 -13.91
CA HIS B 263 3.63 22.21 -15.21
C HIS B 263 2.38 22.70 -15.92
N LYS B 264 2.24 24.00 -16.07
CA LYS B 264 1.08 24.56 -16.75
C LYS B 264 1.02 23.99 -18.17
N CYS B 265 -0.13 23.45 -18.54
CA CYS B 265 -0.31 22.87 -19.86
C CYS B 265 -1.76 22.97 -20.32
N ALA B 266 -1.95 23.08 -21.63
CA ALA B 266 -3.29 23.17 -22.21
C ALA B 266 -3.70 21.83 -22.80
N PHE B 267 -5.00 21.58 -22.83
CA PHE B 267 -5.52 20.33 -23.37
C PHE B 267 -6.27 20.52 -24.67
N TYR B 268 -5.79 19.83 -25.72
CA TYR B 268 -6.40 19.89 -27.04
C TYR B 268 -7.49 18.83 -27.15
N LEU B 269 -8.71 19.26 -27.46
CA LEU B 269 -9.82 18.33 -27.58
C LEU B 269 -9.61 17.38 -28.75
N LYS B 270 -10.68 16.73 -29.20
CA LYS B 270 -10.59 15.79 -30.32
C LYS B 270 -9.86 16.34 -31.54
N ASP B 271 -9.59 15.45 -32.49
CA ASP B 271 -8.87 15.79 -33.71
C ASP B 271 -9.57 16.78 -34.63
N THR B 272 -10.28 17.74 -34.05
CA THR B 272 -10.96 18.76 -34.84
C THR B 272 -9.92 19.79 -35.29
N GLU B 273 -10.36 21.00 -35.61
CA GLU B 273 -9.43 22.04 -36.04
C GLU B 273 -8.57 22.57 -34.90
N ARG B 274 -9.16 23.39 -34.03
CA ARG B 274 -8.42 23.95 -32.90
C ARG B 274 -9.11 23.71 -31.57
N MET B 275 -9.89 24.70 -31.13
CA MET B 275 -10.60 24.61 -29.87
C MET B 275 -9.60 24.34 -28.75
N TYR B 276 -10.09 24.23 -27.52
CA TYR B 276 -9.28 23.98 -26.32
C TYR B 276 -10.17 23.91 -25.09
N LEU B 277 -9.65 23.27 -24.04
CA LEU B 277 -10.39 23.13 -22.79
C LEU B 277 -10.05 24.33 -21.91
N CYS B 278 -11.05 25.17 -21.64
CA CYS B 278 -10.84 26.37 -20.83
C CYS B 278 -11.90 26.54 -19.74
N LEU B 279 -11.56 27.31 -18.71
CA LEU B 279 -12.46 27.57 -17.61
C LEU B 279 -12.95 29.01 -17.71
N SER B 280 -14.26 29.20 -17.72
CA SER B 280 -14.84 30.54 -17.83
C SER B 280 -15.27 31.10 -16.47
N GLN B 281 -14.36 31.03 -15.49
CA GLN B 281 -14.62 31.53 -14.14
C GLN B 281 -15.94 31.00 -13.58
N GLU B 282 -16.51 30.00 -14.23
CA GLU B 282 -17.78 29.41 -13.80
C GLU B 282 -17.70 27.88 -13.95
N ARG B 283 -17.74 27.42 -15.20
CA ARG B 283 -17.67 26.00 -15.49
C ARG B 283 -16.73 25.73 -16.66
N ILE B 284 -16.58 24.47 -17.04
CA ILE B 284 -15.71 24.10 -18.14
C ILE B 284 -16.45 24.06 -19.48
N ILE B 285 -16.13 25.00 -20.35
CA ILE B 285 -16.76 25.09 -21.66
C ILE B 285 -15.71 25.10 -22.77
N GLN B 286 -16.16 24.82 -23.99
CA GLN B 286 -15.29 24.79 -25.17
C GLN B 286 -14.78 26.17 -25.55
N PHE B 287 -13.68 26.20 -26.31
CA PHE B 287 -13.07 27.43 -26.79
C PHE B 287 -12.47 27.14 -28.15
N GLN B 288 -11.54 27.98 -28.61
CA GLN B 288 -10.92 27.76 -29.92
C GLN B 288 -9.45 28.15 -29.98
N ALA B 289 -9.10 29.30 -29.42
CA ALA B 289 -7.72 29.77 -29.44
C ALA B 289 -7.22 29.78 -30.88
N THR B 290 -7.78 30.66 -31.69
CA THR B 290 -7.45 30.78 -33.10
C THR B 290 -6.12 31.48 -33.44
N PRO B 291 -5.69 32.44 -32.60
CA PRO B 291 -4.42 33.12 -32.90
C PRO B 291 -3.21 32.23 -33.12
N CYS B 292 -2.74 32.21 -34.37
CA CYS B 292 -1.57 31.42 -34.75
C CYS B 292 -0.63 32.27 -35.63
N PRO B 293 -0.39 33.54 -35.24
CA PRO B 293 0.49 34.42 -36.02
C PRO B 293 1.97 34.19 -35.72
N LYS B 294 2.27 33.98 -34.44
CA LYS B 294 3.64 33.75 -33.99
C LYS B 294 4.28 32.66 -34.84
N GLU B 295 3.79 31.42 -34.67
CA GLU B 295 4.29 30.28 -35.41
C GLU B 295 3.17 29.28 -35.67
N PRO B 296 3.23 28.57 -36.80
CA PRO B 296 2.20 27.58 -37.14
C PRO B 296 2.14 26.49 -36.07
N ASN B 297 3.11 26.54 -35.16
CA ASN B 297 3.21 25.57 -34.08
C ASN B 297 2.97 26.21 -32.71
N LYS B 298 2.78 27.52 -32.69
CA LYS B 298 2.54 28.23 -31.45
C LYS B 298 1.19 28.94 -31.47
N GLU B 299 0.14 28.19 -31.13
CA GLU B 299 -1.22 28.72 -31.11
C GLU B 299 -1.53 29.40 -29.78
N MET B 300 -1.44 30.72 -29.74
CA MET B 300 -1.73 31.46 -28.52
C MET B 300 -3.12 31.06 -28.03
N ILE B 301 -3.22 30.82 -26.72
CA ILE B 301 -4.49 30.41 -26.12
C ILE B 301 -4.96 31.39 -25.05
N ASN B 302 -6.27 31.63 -25.01
CA ASN B 302 -6.86 32.53 -24.03
C ASN B 302 -6.66 31.97 -22.63
N ASP B 303 -6.33 32.84 -21.67
CA ASP B 303 -6.11 32.41 -20.30
C ASP B 303 -7.26 31.57 -19.76
N GLY B 304 -7.04 30.94 -18.60
CA GLY B 304 -8.07 30.12 -18.01
C GLY B 304 -8.06 28.71 -18.56
N ALA B 305 -7.11 28.43 -19.45
CA ALA B 305 -6.98 27.11 -20.07
C ALA B 305 -5.60 26.51 -19.80
N SER B 306 -4.78 27.24 -19.06
CA SER B 306 -3.43 26.78 -18.73
C SER B 306 -3.42 26.10 -17.36
N TRP B 307 -4.19 25.03 -17.25
CA TRP B 307 -4.28 24.29 -15.99
C TRP B 307 -2.91 23.80 -15.54
N THR B 308 -2.77 23.58 -14.24
CA THR B 308 -1.52 23.08 -13.67
C THR B 308 -1.65 21.59 -13.41
N ILE B 309 -0.62 20.83 -13.75
CA ILE B 309 -0.64 19.39 -13.56
C ILE B 309 -0.09 19.00 -12.19
N ILE B 310 -0.63 17.92 -11.63
CA ILE B 310 -0.20 17.42 -10.33
C ILE B 310 -0.77 16.02 -10.14
N SER B 311 0.05 15.11 -9.63
CA SER B 311 -0.37 13.74 -9.43
C SER B 311 -0.76 13.47 -7.97
N THR B 312 -2.05 13.26 -7.74
CA THR B 312 -2.58 13.02 -6.40
C THR B 312 -2.60 11.53 -6.04
N ASP B 313 -2.48 11.25 -4.75
CA ASP B 313 -2.49 9.88 -4.24
C ASP B 313 -3.75 9.69 -3.39
N LYS B 314 -3.78 8.63 -2.59
CA LYS B 314 -4.95 8.35 -1.75
C LYS B 314 -4.67 7.33 -0.66
N ALA B 315 -4.82 7.76 0.60
CA ALA B 315 -4.62 6.88 1.75
C ALA B 315 -5.99 6.35 2.15
N GLU B 316 -6.03 5.19 2.80
CA GLU B 316 -7.31 4.62 3.20
C GLU B 316 -7.19 3.70 4.41
N TYR B 317 -8.14 3.83 5.34
CA TYR B 317 -8.17 3.00 6.54
C TYR B 317 -9.62 2.68 6.90
N THR B 318 -9.90 1.40 7.07
CA THR B 318 -11.26 0.97 7.43
C THR B 318 -11.21 0.02 8.62
N PHE B 319 -12.13 0.20 9.56
CA PHE B 319 -12.18 -0.64 10.75
C PHE B 319 -13.62 -0.84 11.22
N TYR B 320 -13.76 -1.24 12.48
CA TYR B 320 -15.08 -1.49 13.06
C TYR B 320 -14.95 -1.81 14.54
N GLU B 321 -15.93 -1.37 15.33
CA GLU B 321 -15.91 -1.62 16.76
C GLU B 321 -16.65 -2.92 17.06
N GLY B 322 -16.12 -4.02 16.53
CA GLY B 322 -16.71 -5.32 16.71
C GLY B 322 -17.12 -5.69 18.12
N MET B 323 -16.60 -4.97 19.11
CA MET B 323 -16.93 -5.23 20.50
C MET B 323 -17.11 -3.94 21.30
N GLY B 324 -17.97 -3.07 20.80
CA GLY B 324 -18.21 -1.80 21.49
C GLY B 324 -16.97 -0.94 21.59
N PRO B 325 -17.09 0.26 22.19
CA PRO B 325 -15.97 1.19 22.36
C PRO B 325 -14.73 0.52 22.95
N VAL B 326 -13.58 1.16 22.73
CA VAL B 326 -12.32 0.63 23.23
C VAL B 326 -11.45 1.74 23.83
N LEU B 327 -10.80 1.42 24.93
CA LEU B 327 -9.93 2.38 25.63
C LEU B 327 -8.77 2.86 24.76
N ALA B 328 -8.34 2.01 23.83
CA ALA B 328 -7.24 2.36 22.95
C ALA B 328 -7.71 2.75 21.54
N PRO B 329 -6.93 3.59 20.85
CA PRO B 329 -7.25 4.05 19.49
C PRO B 329 -7.25 2.91 18.48
N VAL B 330 -8.03 3.06 17.42
CA VAL B 330 -8.10 2.05 16.38
C VAL B 330 -6.89 2.15 15.46
N THR B 331 -5.98 3.06 15.81
CA THR B 331 -4.75 3.26 15.05
C THR B 331 -3.60 2.50 15.69
N PRO B 332 -2.70 1.93 14.87
CA PRO B 332 -2.71 1.95 13.40
C PRO B 332 -3.73 1.00 12.78
N VAL B 333 -3.85 1.05 11.46
CA VAL B 333 -4.80 0.20 10.75
C VAL B 333 -4.07 -0.82 9.88
N PRO B 334 -4.15 -2.11 10.24
CA PRO B 334 -3.51 -3.20 9.51
C PRO B 334 -4.05 -3.39 8.08
N VAL B 335 -3.19 -3.20 7.10
CA VAL B 335 -3.57 -3.37 5.69
C VAL B 335 -2.93 -4.63 5.14
N VAL B 336 -3.68 -5.38 4.34
CA VAL B 336 -3.16 -6.60 3.76
C VAL B 336 -3.14 -6.50 2.24
N GLU B 337 -1.93 -6.52 1.68
CA GLU B 337 -1.74 -6.42 0.24
C GLU B 337 -1.62 -7.78 -0.44
N SER B 338 -0.82 -8.66 0.15
CA SER B 338 -0.62 -10.00 -0.40
C SER B 338 -1.08 -11.10 0.55
N LEU B 339 -1.61 -12.17 -0.01
CA LEU B 339 -2.08 -13.30 0.77
C LEU B 339 -1.75 -14.59 0.01
N GLN B 340 -0.62 -15.20 0.39
CA GLN B 340 -0.15 -16.43 -0.24
C GLN B 340 -0.41 -17.65 0.62
N LEU B 341 -0.63 -18.79 -0.02
CA LEU B 341 -0.88 -20.04 0.69
C LEU B 341 0.42 -20.82 0.79
N ASN B 342 0.78 -21.22 2.00
CA ASN B 342 2.02 -21.98 2.22
C ASN B 342 1.72 -23.46 2.42
N GLY B 343 2.18 -24.28 1.47
CA GLY B 343 1.95 -25.71 1.57
C GLY B 343 0.50 -26.05 1.35
N GLY B 344 -0.03 -26.95 2.17
CA GLY B 344 -1.42 -27.35 2.04
C GLY B 344 -1.75 -28.62 2.79
N GLY B 345 -3.03 -28.97 2.82
CA GLY B 345 -3.46 -30.16 3.51
C GLY B 345 -3.40 -30.08 5.02
N ASP B 346 -2.70 -31.03 5.63
CA ASP B 346 -2.56 -31.10 7.08
C ASP B 346 -1.76 -29.95 7.68
N VAL B 347 -0.90 -29.32 6.89
CA VAL B 347 -0.07 -28.23 7.40
C VAL B 347 -0.46 -26.88 6.79
N ALA B 348 -1.60 -26.84 6.13
CA ALA B 348 -2.09 -25.61 5.49
C ALA B 348 -1.88 -24.37 6.35
N MET B 349 -1.03 -23.46 5.87
CA MET B 349 -0.74 -22.21 6.57
C MET B 349 -0.86 -21.03 5.62
N LEU B 350 -1.07 -19.84 6.17
CA LEU B 350 -1.20 -18.63 5.36
C LEU B 350 -0.23 -17.54 5.80
N GLU B 351 0.43 -16.92 4.83
CA GLU B 351 1.38 -15.85 5.10
C GLU B 351 0.86 -14.54 4.52
N LEU B 352 0.62 -13.57 5.39
CA LEU B 352 0.11 -12.28 4.95
C LEU B 352 1.23 -11.24 4.94
N THR B 353 1.09 -10.24 4.07
CA THR B 353 2.07 -9.18 3.94
C THR B 353 1.38 -7.85 3.65
N GLY B 354 1.57 -6.89 4.54
CA GLY B 354 0.96 -5.59 4.36
C GLY B 354 1.71 -4.50 5.09
N GLN B 355 1.03 -3.76 5.96
CA GLN B 355 1.65 -2.68 6.71
C GLN B 355 1.00 -2.48 8.08
N ASN B 356 1.77 -1.96 9.02
CA ASN B 356 1.30 -1.69 10.38
C ASN B 356 0.78 -2.89 11.14
N PHE B 357 1.19 -4.09 10.74
CA PHE B 357 0.76 -5.30 11.44
C PHE B 357 1.25 -5.25 12.88
N THR B 358 0.40 -5.71 13.80
CA THR B 358 0.74 -5.70 15.22
C THR B 358 0.61 -7.09 15.84
N PRO B 359 1.45 -7.39 16.85
CA PRO B 359 1.44 -8.68 17.55
C PRO B 359 0.13 -9.01 18.27
N ASN B 360 -0.72 -8.00 18.45
CA ASN B 360 -2.00 -8.21 19.12
C ASN B 360 -3.10 -8.48 18.10
N LEU B 361 -2.75 -9.12 16.99
CA LEU B 361 -3.71 -9.41 15.94
C LEU B 361 -3.93 -10.90 15.71
N ARG B 362 -5.04 -11.22 15.06
CA ARG B 362 -5.41 -12.59 14.73
C ARG B 362 -6.28 -12.56 13.47
N VAL B 363 -6.11 -13.55 12.60
CA VAL B 363 -6.89 -13.61 11.37
C VAL B 363 -8.14 -14.46 11.60
N TRP B 364 -9.24 -14.06 10.97
CA TRP B 364 -10.51 -14.78 11.12
C TRP B 364 -11.02 -15.35 9.81
N PHE B 365 -11.06 -16.67 9.71
CA PHE B 365 -11.58 -17.32 8.51
C PHE B 365 -13.08 -17.39 8.67
N GLY B 366 -13.76 -16.31 8.28
CA GLY B 366 -15.20 -16.26 8.42
C GLY B 366 -15.54 -15.98 9.86
N ASP B 367 -16.12 -16.96 10.54
CA ASP B 367 -16.48 -16.82 11.95
C ASP B 367 -15.55 -17.67 12.79
N VAL B 368 -14.48 -18.16 12.18
CA VAL B 368 -13.51 -18.98 12.88
C VAL B 368 -12.18 -18.26 13.07
N GLU B 369 -11.71 -18.23 14.32
CA GLU B 369 -10.45 -17.57 14.64
C GLU B 369 -9.31 -18.57 14.53
N ALA B 370 -8.37 -18.31 13.64
CA ALA B 370 -7.23 -19.20 13.45
C ALA B 370 -5.97 -18.67 14.11
N GLU B 371 -5.15 -19.57 14.64
CA GLU B 371 -3.91 -19.19 15.30
C GLU B 371 -3.11 -18.27 14.38
N THR B 372 -2.42 -17.30 14.97
CA THR B 372 -1.64 -16.35 14.20
C THR B 372 -0.22 -16.16 14.74
N MET B 373 0.73 -15.95 13.82
CA MET B 373 2.13 -15.72 14.18
C MET B 373 2.59 -14.40 13.60
N TYR B 374 3.04 -13.50 14.47
CA TYR B 374 3.51 -12.18 14.07
C TYR B 374 4.97 -12.24 13.58
N ARG B 375 5.16 -12.10 12.27
CA ARG B 375 6.49 -12.12 11.70
C ARG B 375 7.16 -10.77 11.90
N CYS B 376 6.59 -9.73 11.31
CA CYS B 376 7.12 -8.38 11.43
C CYS B 376 6.04 -7.35 11.13
N GLY B 377 6.44 -6.09 11.00
CA GLY B 377 5.49 -5.03 10.73
C GLY B 377 4.73 -5.19 9.43
N GLU B 378 5.21 -6.04 8.53
CA GLU B 378 4.55 -6.26 7.25
C GLU B 378 4.50 -7.72 6.83
N SER B 379 4.44 -8.63 7.81
CA SER B 379 4.38 -10.05 7.52
C SER B 379 3.74 -10.77 8.70
N MET B 380 2.86 -11.73 8.41
CA MET B 380 2.18 -12.46 9.47
C MET B 380 1.82 -13.87 8.99
N LEU B 381 1.90 -14.84 9.91
CA LEU B 381 1.59 -16.23 9.59
C LEU B 381 0.46 -16.79 10.43
N CYS B 382 -0.58 -17.28 9.76
CA CYS B 382 -1.72 -17.86 10.46
C CYS B 382 -1.87 -19.32 10.04
N VAL B 383 -2.72 -20.06 10.74
CA VAL B 383 -2.91 -21.47 10.43
C VAL B 383 -4.31 -21.74 9.90
N VAL B 384 -4.40 -22.16 8.64
CA VAL B 384 -5.67 -22.47 8.01
C VAL B 384 -6.39 -23.56 8.80
N PRO B 385 -7.52 -23.22 9.43
CA PRO B 385 -8.30 -24.18 10.22
C PRO B 385 -8.88 -25.31 9.37
N ASP B 386 -8.82 -26.53 9.89
CA ASP B 386 -9.35 -27.69 9.19
C ASP B 386 -10.71 -27.39 8.59
N ILE B 387 -11.01 -27.99 7.44
CA ILE B 387 -12.28 -27.78 6.78
C ILE B 387 -13.44 -28.24 7.68
N SER B 388 -13.15 -29.16 8.59
CA SER B 388 -14.17 -29.66 9.51
C SER B 388 -14.71 -28.53 10.37
N ALA B 389 -13.99 -27.42 10.40
CA ALA B 389 -14.40 -26.25 11.18
C ALA B 389 -15.45 -25.45 10.42
N PHE B 390 -15.78 -25.92 9.22
CA PHE B 390 -16.79 -25.26 8.39
C PHE B 390 -17.78 -26.29 7.87
N ARG B 391 -17.46 -27.55 8.03
CA ARG B 391 -18.32 -28.64 7.57
C ARG B 391 -18.25 -29.83 8.53
N GLU B 392 -19.06 -29.78 9.58
CA GLU B 392 -19.12 -30.84 10.59
C GLU B 392 -19.13 -32.24 10.00
N GLY B 393 -19.39 -32.33 8.69
CA GLY B 393 -19.46 -33.62 8.05
C GLY B 393 -18.25 -34.15 7.30
N TRP B 394 -17.40 -33.27 6.78
CA TRP B 394 -16.24 -33.73 6.03
C TRP B 394 -14.90 -33.63 6.75
N ARG B 395 -13.94 -34.42 6.26
CA ARG B 395 -12.58 -34.44 6.80
C ARG B 395 -11.62 -34.08 5.68
N TRP B 396 -12.19 -33.83 4.50
CA TRP B 396 -11.42 -33.46 3.33
C TRP B 396 -12.32 -32.66 2.38
N VAL B 397 -11.81 -31.52 1.91
CA VAL B 397 -12.57 -30.66 1.01
C VAL B 397 -13.40 -31.43 -0.01
N ARG B 398 -14.71 -31.49 0.23
CA ARG B 398 -15.62 -32.19 -0.68
C ARG B 398 -16.12 -31.25 -1.77
N GLN B 399 -16.16 -29.96 -1.45
CA GLN B 399 -16.63 -28.95 -2.39
C GLN B 399 -16.02 -27.59 -2.05
N PRO B 400 -15.73 -26.77 -3.07
CA PRO B 400 -15.14 -25.44 -2.83
C PRO B 400 -15.95 -24.56 -1.89
N VAL B 401 -15.35 -24.21 -0.76
CA VAL B 401 -16.00 -23.37 0.23
C VAL B 401 -15.21 -22.08 0.41
N GLN B 402 -15.85 -20.96 0.08
CA GLN B 402 -15.21 -19.66 0.18
C GLN B 402 -15.62 -18.89 1.44
N VAL B 403 -14.68 -18.74 2.36
CA VAL B 403 -14.94 -18.01 3.61
C VAL B 403 -14.21 -16.67 3.56
N PRO B 404 -14.77 -15.64 4.23
CA PRO B 404 -14.16 -14.31 4.26
C PRO B 404 -12.99 -14.16 5.22
N VAL B 405 -11.96 -13.44 4.78
CA VAL B 405 -10.78 -13.20 5.60
C VAL B 405 -10.93 -11.85 6.28
N THR B 406 -10.35 -11.70 7.46
CA THR B 406 -10.44 -10.46 8.21
C THR B 406 -9.52 -10.43 9.42
N LEU B 407 -8.93 -9.27 9.68
CA LEU B 407 -8.02 -9.10 10.82
C LEU B 407 -8.80 -8.59 12.02
N VAL B 408 -8.59 -9.25 13.17
CA VAL B 408 -9.27 -8.86 14.40
C VAL B 408 -8.28 -8.65 15.54
N ARG B 409 -8.32 -7.45 16.13
CA ARG B 409 -7.43 -7.14 17.25
C ARG B 409 -7.90 -7.90 18.48
N ASN B 410 -7.26 -7.66 19.61
CA ASN B 410 -7.64 -8.34 20.85
C ASN B 410 -8.74 -7.62 21.63
N ASP B 411 -8.83 -6.31 21.47
CA ASP B 411 -9.84 -5.53 22.18
C ASP B 411 -11.19 -5.54 21.48
N GLY B 412 -11.27 -6.25 20.34
CA GLY B 412 -12.52 -6.33 19.62
C GLY B 412 -12.48 -5.69 18.24
N ILE B 413 -11.86 -4.53 18.13
CA ILE B 413 -11.76 -3.82 16.86
C ILE B 413 -11.42 -4.77 15.72
N ILE B 414 -12.24 -4.76 14.67
CA ILE B 414 -12.00 -5.62 13.53
C ILE B 414 -11.71 -4.77 12.30
N TYR B 415 -10.72 -5.19 11.52
CA TYR B 415 -10.35 -4.47 10.31
C TYR B 415 -10.72 -5.28 9.07
N SER B 416 -11.79 -4.89 8.41
CA SER B 416 -12.25 -5.59 7.22
C SER B 416 -11.19 -5.51 6.13
N THR B 417 -10.73 -6.66 5.67
CA THR B 417 -9.72 -6.72 4.62
C THR B 417 -10.36 -6.49 3.26
N SER B 418 -10.66 -7.59 2.57
CA SER B 418 -11.26 -7.57 1.24
C SER B 418 -11.01 -8.92 0.58
N LEU B 419 -9.90 -9.53 0.98
CA LEU B 419 -9.49 -10.82 0.45
C LEU B 419 -10.34 -11.94 1.04
N THR B 420 -10.48 -13.04 0.30
CA THR B 420 -11.27 -14.17 0.76
C THR B 420 -10.59 -15.50 0.44
N PHE B 421 -10.20 -16.22 1.48
CA PHE B 421 -9.55 -17.51 1.32
C PHE B 421 -10.61 -18.54 0.93
N THR B 422 -10.27 -19.41 -0.02
CA THR B 422 -11.20 -20.43 -0.47
C THR B 422 -10.61 -21.83 -0.35
N TYR B 423 -11.40 -22.76 0.19
CA TYR B 423 -10.95 -24.14 0.34
C TYR B 423 -11.15 -24.91 -0.96
N THR B 424 -10.05 -25.33 -1.57
CA THR B 424 -10.10 -26.08 -2.82
C THR B 424 -9.74 -27.54 -2.59
N PRO B 425 -10.49 -28.46 -3.20
CA PRO B 425 -10.24 -29.90 -3.06
C PRO B 425 -8.81 -30.29 -3.40
N GLU B 426 -8.12 -30.92 -2.46
CA GLU B 426 -6.74 -31.35 -2.68
C GLU B 426 -6.70 -32.37 -3.81
N PRO B 427 -6.03 -32.02 -4.93
CA PRO B 427 -5.94 -32.95 -6.06
C PRO B 427 -5.11 -34.17 -5.74
N HIS C 5 8.79 -40.17 8.57
CA HIS C 5 7.84 -39.08 8.95
C HIS C 5 8.13 -38.50 10.32
N SER C 6 8.58 -39.33 11.25
CA SER C 6 8.88 -38.87 12.60
C SER C 6 10.10 -37.96 12.59
N ALA C 7 10.93 -38.09 11.56
CA ALA C 7 12.13 -37.28 11.44
C ALA C 7 11.79 -35.90 10.88
N VAL C 8 10.87 -35.87 9.92
CA VAL C 8 10.45 -34.61 9.30
C VAL C 8 9.44 -33.90 10.21
N MET C 9 8.60 -34.68 10.88
CA MET C 9 7.60 -34.12 11.78
C MET C 9 8.32 -33.25 12.81
N GLU C 10 9.47 -33.74 13.28
CA GLU C 10 10.28 -33.03 14.25
C GLU C 10 10.68 -31.68 13.67
N ARG C 11 11.04 -31.67 12.39
CA ARG C 11 11.43 -30.46 11.69
C ARG C 11 10.28 -29.46 11.71
N LEU C 12 9.06 -29.97 11.62
CA LEU C 12 7.87 -29.14 11.63
C LEU C 12 7.58 -28.61 13.03
N ARG C 13 7.55 -29.51 14.01
CA ARG C 13 7.28 -29.14 15.39
C ARG C 13 8.22 -28.02 15.83
N ARG C 14 9.48 -28.15 15.48
CA ARG C 14 10.50 -27.17 15.85
C ARG C 14 10.29 -25.82 15.15
N ARG C 15 9.86 -25.85 13.90
CA ARG C 15 9.63 -24.61 13.16
C ARG C 15 8.45 -23.83 13.74
N ILE C 16 7.30 -24.47 13.87
CA ILE C 16 6.13 -23.83 14.43
C ILE C 16 6.41 -23.30 15.83
N GLU C 17 7.14 -24.09 16.61
CA GLU C 17 7.50 -23.70 17.97
C GLU C 17 8.27 -22.37 17.96
N LEU C 18 9.29 -22.30 17.12
CA LEU C 18 10.11 -21.09 17.02
C LEU C 18 9.26 -19.90 16.63
N CYS C 19 8.37 -20.08 15.65
CA CYS C 19 7.50 -19.01 15.20
C CYS C 19 6.60 -18.55 16.34
N ARG C 20 6.06 -19.52 17.08
CA ARG C 20 5.16 -19.23 18.19
C ARG C 20 5.92 -18.50 19.31
N ARG C 21 7.16 -18.90 19.55
CA ARG C 21 7.97 -18.28 20.59
C ARG C 21 8.24 -16.83 20.21
N HIS C 22 8.48 -16.59 18.93
CA HIS C 22 8.74 -15.24 18.44
C HIS C 22 7.53 -14.35 18.70
N HIS C 23 6.35 -14.83 18.30
CA HIS C 23 5.12 -14.09 18.49
C HIS C 23 4.92 -13.76 19.97
N SER C 24 5.19 -14.74 20.83
CA SER C 24 5.04 -14.57 22.26
C SER C 24 5.92 -13.45 22.80
N THR C 25 7.15 -13.37 22.32
CA THR C 25 8.09 -12.34 22.76
C THR C 25 7.68 -10.97 22.26
N CYS C 26 7.25 -10.90 21.00
CA CYS C 26 6.83 -9.63 20.40
C CYS C 26 5.56 -9.08 21.03
N GLU C 27 4.53 -9.92 21.12
CA GLU C 27 3.26 -9.52 21.70
C GLU C 27 3.43 -9.04 23.13
N ALA C 28 4.24 -9.76 23.89
CA ALA C 28 4.49 -9.43 25.30
C ALA C 28 5.27 -8.12 25.39
N ARG C 29 6.19 -7.91 24.46
CA ARG C 29 7.01 -6.71 24.44
C ARG C 29 6.19 -5.50 24.00
N TYR C 30 5.12 -5.77 23.25
CA TYR C 30 4.24 -4.72 22.76
C TYR C 30 3.26 -4.31 23.85
N GLU C 31 2.62 -5.30 24.47
CA GLU C 31 1.65 -5.06 25.53
C GLU C 31 2.30 -4.41 26.74
N ALA C 32 3.58 -4.71 26.96
CA ALA C 32 4.32 -4.16 28.09
C ALA C 32 4.45 -2.65 27.99
N VAL C 33 4.61 -2.14 26.78
CA VAL C 33 4.76 -0.71 26.55
C VAL C 33 3.41 -0.03 26.32
N SER C 34 2.37 -0.83 26.17
CA SER C 34 1.02 -0.32 25.93
C SER C 34 0.67 0.91 26.77
N PRO C 35 0.74 0.79 28.11
CA PRO C 35 0.41 1.91 28.99
C PRO C 35 1.20 3.19 28.67
N GLU C 36 2.52 3.06 28.63
CA GLU C 36 3.40 4.19 28.35
C GLU C 36 3.02 4.91 27.06
N ARG C 37 2.62 4.13 26.06
CA ARG C 37 2.23 4.67 24.77
C ARG C 37 0.80 5.20 24.77
N LEU C 38 -0.12 4.39 25.29
CA LEU C 38 -1.53 4.78 25.36
C LEU C 38 -1.76 6.06 26.15
N GLU C 39 -1.08 6.18 27.28
CA GLU C 39 -1.23 7.35 28.13
C GLU C 39 -0.65 8.59 27.46
N LEU C 40 0.52 8.45 26.85
CA LEU C 40 1.17 9.56 26.16
C LEU C 40 0.32 10.06 24.99
N GLU C 41 -0.40 9.14 24.36
CA GLU C 41 -1.24 9.48 23.22
C GLU C 41 -2.44 10.30 23.68
N ARG C 42 -3.15 9.79 24.68
CA ARG C 42 -4.32 10.48 25.21
C ARG C 42 -3.94 11.86 25.73
N GLN C 43 -2.68 12.01 26.12
CA GLN C 43 -2.20 13.28 26.63
C GLN C 43 -2.19 14.32 25.52
N HIS C 44 -1.96 13.86 24.29
CA HIS C 44 -1.95 14.74 23.14
C HIS C 44 -3.38 15.02 22.71
N THR C 45 -4.22 13.99 22.81
CA THR C 45 -5.63 14.11 22.46
C THR C 45 -6.31 15.16 23.33
N PHE C 46 -5.91 15.19 24.60
CA PHE C 46 -6.47 16.15 25.55
C PHE C 46 -6.12 17.57 25.13
N ALA C 47 -4.83 17.81 24.89
CA ALA C 47 -4.35 19.13 24.48
C ALA C 47 -5.10 19.67 23.28
N LEU C 48 -5.56 18.78 22.40
CA LEU C 48 -6.29 19.19 21.21
C LEU C 48 -7.78 19.34 21.46
N HIS C 49 -8.37 18.37 22.14
CA HIS C 49 -9.80 18.43 22.45
C HIS C 49 -10.11 19.70 23.22
N GLN C 50 -9.10 20.23 23.90
CA GLN C 50 -9.25 21.46 24.67
C GLN C 50 -9.42 22.64 23.72
N ARG C 51 -8.64 22.61 22.64
CA ARG C 51 -8.68 23.67 21.64
C ARG C 51 -9.85 23.47 20.70
N CYS C 52 -10.34 22.24 20.62
CA CYS C 52 -11.47 21.91 19.76
C CYS C 52 -12.77 22.42 20.38
N ILE C 53 -12.85 22.33 21.71
CA ILE C 53 -14.03 22.78 22.44
C ILE C 53 -13.94 24.28 22.70
N GLN C 54 -12.71 24.77 22.89
CA GLN C 54 -12.49 26.20 23.13
C GLN C 54 -12.66 27.01 21.86
N ALA C 55 -12.36 26.39 20.72
CA ALA C 55 -12.49 27.06 19.44
C ALA C 55 -13.96 27.06 19.04
N LYS C 56 -14.76 26.30 19.77
CA LYS C 56 -16.19 26.20 19.53
C LYS C 56 -16.94 27.31 20.25
N ALA C 57 -16.37 27.77 21.37
CA ALA C 57 -16.98 28.83 22.16
C ALA C 57 -16.80 30.19 21.49
N LYS C 58 -15.65 30.39 20.86
CA LYS C 58 -15.37 31.64 20.18
C LYS C 58 -16.19 31.77 18.91
N ARG C 59 -17.03 30.77 18.66
CA ARG C 59 -17.90 30.77 17.48
C ARG C 59 -19.16 31.57 17.75
N LYS F 1 -0.67 -2.28 -23.04
CA LYS F 1 -1.40 -2.21 -24.34
C LYS F 1 -2.41 -3.34 -24.44
N ARG F 2 -2.36 -4.26 -23.48
CA ARG F 2 -3.27 -5.40 -23.46
C ARG F 2 -4.47 -5.15 -22.55
N ARG F 3 -4.36 -4.15 -21.67
CA ARG F 3 -5.45 -3.83 -20.77
C ARG F 3 -6.53 -3.03 -21.49
N ARG F 4 -7.50 -2.54 -20.72
CA ARG F 4 -8.59 -1.76 -21.29
C ARG F 4 -9.41 -1.08 -20.20
N GLN F 5 -9.41 0.24 -20.22
CA GLN F 5 -10.15 1.04 -19.24
C GLN F 5 -11.37 1.68 -19.90
N HIS F 6 -12.56 1.30 -19.47
CA HIS F 6 -13.79 1.84 -20.04
C HIS F 6 -14.13 3.14 -19.32
N GLY F 7 -15.24 3.76 -19.72
CA GLY F 7 -15.64 5.01 -19.08
C GLY F 7 -17.03 5.50 -19.46
N GLN F 8 -17.15 6.82 -19.59
CA GLN F 8 -18.41 7.47 -19.96
C GLN F 8 -18.08 8.85 -20.50
N LEU F 9 -18.22 9.02 -21.81
CA LEU F 9 -17.90 10.30 -22.43
C LEU F 9 -18.87 11.44 -22.11
N TRP F 10 -18.38 12.66 -22.25
CA TRP F 10 -19.17 13.86 -22.02
C TRP F 10 -18.53 15.03 -22.76
N PHE F 11 -19.28 15.64 -23.66
CA PHE F 11 -18.78 16.77 -24.43
C PHE F 11 -19.51 18.07 -24.12
N PRO F 12 -18.76 19.11 -23.73
CA PRO F 12 -19.29 20.43 -23.39
C PRO F 12 -20.02 21.14 -24.55
N GLU F 13 -19.30 21.98 -25.27
CA GLU F 13 -19.87 22.72 -26.38
C GLU F 13 -19.17 22.43 -27.70
N GLY F 14 -19.92 22.45 -28.79
CA GLY F 14 -19.35 22.20 -30.10
C GLY F 14 -18.71 20.82 -30.18
N PHE F 15 -19.54 19.78 -30.17
CA PHE F 15 -19.06 18.41 -30.23
C PHE F 15 -18.84 17.91 -31.65
N LYS F 16 -19.75 18.27 -32.55
CA LYS F 16 -19.67 17.85 -33.95
C LYS F 16 -18.39 18.30 -34.65
N VAL F 17 -17.70 19.27 -34.05
CA VAL F 17 -16.45 19.81 -34.59
C VAL F 17 -15.45 18.76 -35.08
N SER F 18 -15.26 17.72 -34.29
CA SER F 18 -14.32 16.66 -34.64
C SER F 18 -14.66 16.01 -35.98
N GLU F 19 -15.93 16.07 -36.36
CA GLU F 19 -16.38 15.48 -37.62
C GLU F 19 -16.23 13.96 -37.63
#